data_5OHC
#
_entry.id   5OHC
#
_cell.length_a   85.853
_cell.length_b   159.282
_cell.length_c   91.221
_cell.angle_alpha   90.00
_cell.angle_beta   90.00
_cell.angle_gamma   90.00
#
_symmetry.space_group_name_H-M   'P 21 21 2'
#
loop_
_entity.id
_entity.type
_entity.pdbx_description
1 polymer Hydrolase
2 non-polymer GLYCEROL
3 water water
#
_entity_poly.entity_id   1
_entity_poly.type   'polypeptide(L)'
_entity_poly.pdbx_seq_one_letter_code
;GAMPHDPSFTPTQLAARAAYLLRGNDLGTMTTAAPLLYPHMWSWDAAFVAIGLAPLSVERAVVELDTLLSAQWRNGMIPH
IVFANGVDGYFPGPARWATATLADNAPRNRLTSGITQPPVHAIAVQRILEHARTRGRSTRAVAEAFLDRRWGDLMRWHRW
LAECRDRNERGRITLYHGWESGMDNSPRWDSAYANVVPGKLPEYQRADNVIITDPSQRPSDGEYDRYLWLLEEMKAVRYD
DERLPSVMSFQVEDVFFSAIFSVACQVLAEIGEDYKRPHADVKDLYLWAERFRAGVVETTDQRTGAARDFDVLAEKWLVT
ETAAQFAPLLCGGLPHDRERALLKLLEGPRFCGHPDLKYGLIPSTSPVSRDFRPREYWRGPVWPVLTWLFSWCFARRGWA
ERARLLRQEGLRQASDGSFAEYYEPFTGEPLGSMQQSWTAAAVLDWLG
;
_entity_poly.pdbx_strand_id   A,B
#
loop_
_chem_comp.id
_chem_comp.type
_chem_comp.name
_chem_comp.formula
GOL non-polymer GLYCEROL 'C3 H8 O3'
#
# COMPACT_ATOMS: atom_id res chain seq x y z
N PRO A 4 -6.76 -35.52 8.53
CA PRO A 4 -7.55 -35.84 9.73
C PRO A 4 -8.19 -34.63 10.41
N HIS A 5 -7.60 -34.19 11.54
CA HIS A 5 -8.25 -33.16 12.36
C HIS A 5 -8.22 -31.79 11.72
N ASP A 6 -7.23 -31.53 10.84
CA ASP A 6 -7.17 -30.28 10.09
C ASP A 6 -6.62 -30.54 8.68
N PRO A 7 -7.42 -30.36 7.63
CA PRO A 7 -6.98 -30.71 6.27
C PRO A 7 -6.15 -29.65 5.57
N SER A 8 -5.67 -28.63 6.27
CA SER A 8 -5.03 -27.50 5.61
C SER A 8 -3.53 -27.69 5.46
N PHE A 9 -2.97 -26.98 4.51
CA PHE A 9 -1.55 -26.99 4.23
C PHE A 9 -0.86 -25.80 4.90
N THR A 10 0.40 -26.00 5.28
CA THR A 10 1.23 -24.93 5.79
C THR A 10 1.60 -23.98 4.64
N PRO A 11 2.08 -22.76 4.95
CA PRO A 11 2.45 -21.85 3.85
C PRO A 11 3.48 -22.41 2.86
N THR A 12 4.51 -23.11 3.35
CA THR A 12 5.50 -23.67 2.43
C THR A 12 4.94 -24.84 1.63
N GLN A 13 4.10 -25.67 2.27
CA GLN A 13 3.46 -26.76 1.53
C GLN A 13 2.53 -26.22 0.46
N LEU A 14 1.78 -25.16 0.80
CA LEU A 14 0.85 -24.57 -0.15
C LEU A 14 1.58 -23.90 -1.31
N ALA A 15 2.67 -23.17 -1.01
CA ALA A 15 3.45 -22.53 -2.06
C ALA A 15 4.04 -23.56 -3.01
N ALA A 16 4.53 -24.69 -2.45
CA ALA A 16 5.08 -25.78 -3.26
C ALA A 16 4.01 -26.41 -4.15
N ARG A 17 2.83 -26.74 -3.61
CA ARG A 17 1.78 -27.34 -4.44
C ARG A 17 1.27 -26.36 -5.51
N ALA A 18 1.28 -25.06 -5.21
CA ALA A 18 0.87 -24.04 -6.19
C ALA A 18 1.82 -24.01 -7.37
N ALA A 19 3.13 -24.05 -7.09
CA ALA A 19 4.13 -24.02 -8.14
C ALA A 19 4.15 -25.33 -8.91
N TYR A 20 3.96 -26.44 -8.20
CA TYR A 20 3.82 -27.75 -8.83
C TYR A 20 2.65 -27.77 -9.82
N LEU A 21 1.48 -27.29 -9.37
N LEU A 21 1.49 -27.25 -9.39
CA LEU A 21 0.32 -27.11 -10.24
CA LEU A 21 0.33 -27.15 -10.29
C LEU A 21 0.67 -26.29 -11.49
C LEU A 21 0.63 -26.27 -11.51
N LEU A 22 1.24 -25.10 -11.30
CA LEU A 22 1.50 -24.22 -12.45
C LEU A 22 2.41 -24.87 -13.49
N ARG A 23 3.49 -25.50 -13.04
CA ARG A 23 4.34 -26.20 -14.00
C ARG A 23 3.58 -27.34 -14.68
N GLY A 24 2.66 -28.01 -13.97
CA GLY A 24 1.96 -29.14 -14.57
C GLY A 24 0.96 -28.73 -15.66
N ASN A 25 0.48 -27.48 -15.63
CA ASN A 25 -0.39 -26.93 -16.67
C ASN A 25 0.38 -26.29 -17.82
N ASP A 26 1.72 -26.26 -17.74
CA ASP A 26 2.57 -25.73 -18.81
C ASP A 26 2.67 -26.72 -19.97
N LEU A 27 2.27 -26.28 -21.17
CA LEU A 27 2.38 -27.08 -22.38
C LEU A 27 3.74 -26.89 -23.06
N GLY A 28 4.52 -25.92 -22.62
CA GLY A 28 5.83 -25.67 -23.19
C GLY A 28 6.08 -24.19 -23.23
N THR A 29 5.26 -23.47 -23.98
CA THR A 29 5.33 -22.02 -24.07
C THR A 29 4.02 -21.37 -23.68
N MET A 30 2.99 -22.15 -23.34
CA MET A 30 1.77 -21.57 -22.81
C MET A 30 1.26 -22.44 -21.68
N THR A 31 0.51 -21.83 -20.78
CA THR A 31 -0.03 -22.51 -19.62
C THR A 31 -1.53 -22.58 -19.79
N THR A 32 -2.08 -23.78 -19.70
CA THR A 32 -3.53 -23.85 -19.78
C THR A 32 -4.14 -23.20 -18.53
N ALA A 33 -5.37 -22.72 -18.69
CA ALA A 33 -6.03 -22.02 -17.58
C ALA A 33 -6.53 -23.03 -16.56
N ALA A 34 -6.80 -24.25 -16.98
CA ALA A 34 -7.00 -25.37 -16.07
C ALA A 34 -6.59 -26.65 -16.81
N PRO A 35 -6.50 -27.79 -16.10
CA PRO A 35 -6.08 -29.04 -16.81
C PRO A 35 -6.99 -29.45 -17.94
N LEU A 36 -8.31 -29.56 -17.71
CA LEU A 36 -9.22 -30.11 -18.70
C LEU A 36 -10.33 -29.16 -19.11
N LEU A 37 -10.88 -28.39 -18.16
CA LEU A 37 -12.00 -27.52 -18.48
C LEU A 37 -11.59 -26.45 -19.47
N TYR A 38 -10.39 -25.91 -19.31
CA TYR A 38 -9.88 -24.81 -20.12
C TYR A 38 -8.50 -25.19 -20.65
N PRO A 39 -8.43 -26.10 -21.66
CA PRO A 39 -7.13 -26.69 -22.02
C PRO A 39 -6.34 -25.84 -23.00
N HIS A 40 -6.44 -24.52 -22.88
CA HIS A 40 -5.78 -23.58 -23.77
C HIS A 40 -5.36 -22.37 -22.94
N MET A 41 -4.79 -21.40 -23.64
CA MET A 41 -4.38 -20.14 -23.02
C MET A 41 -5.53 -19.14 -23.11
N TRP A 42 -6.00 -18.65 -21.97
CA TRP A 42 -6.95 -17.54 -21.93
C TRP A 42 -6.18 -16.26 -21.62
N SER A 43 -6.66 -15.14 -22.19
CA SER A 43 -5.91 -13.89 -22.11
C SER A 43 -5.74 -13.39 -20.67
N TRP A 44 -6.84 -13.11 -19.93
CA TRP A 44 -6.45 -12.56 -18.62
C TRP A 44 -5.91 -13.63 -17.69
N ASP A 45 -6.30 -14.90 -17.86
CA ASP A 45 -5.64 -15.97 -17.11
C ASP A 45 -4.14 -15.92 -17.29
N ALA A 46 -3.69 -15.69 -18.53
CA ALA A 46 -2.27 -15.71 -18.86
C ALA A 46 -1.52 -14.55 -18.20
N ALA A 47 -2.18 -13.43 -18.01
CA ALA A 47 -1.55 -12.37 -17.24
C ALA A 47 -1.36 -12.81 -15.79
N PHE A 48 -2.37 -13.49 -15.22
CA PHE A 48 -2.21 -13.97 -13.84
C PHE A 48 -1.22 -15.11 -13.74
N VAL A 49 -1.15 -15.96 -14.78
CA VAL A 49 -0.12 -17.00 -14.80
C VAL A 49 1.27 -16.38 -14.81
N ALA A 50 1.47 -15.36 -15.68
CA ALA A 50 2.73 -14.64 -15.66
C ALA A 50 3.05 -14.09 -14.26
N ILE A 51 2.03 -13.59 -13.54
CA ILE A 51 2.26 -13.10 -12.19
C ILE A 51 2.70 -14.24 -11.28
N GLY A 52 2.04 -15.40 -11.38
CA GLY A 52 2.40 -16.54 -10.55
C GLY A 52 3.74 -17.15 -10.92
N LEU A 53 4.18 -16.99 -12.17
CA LEU A 53 5.47 -17.49 -12.60
C LEU A 53 6.61 -16.58 -12.19
N ALA A 54 6.34 -15.29 -12.01
CA ALA A 54 7.45 -14.37 -11.76
C ALA A 54 8.31 -14.73 -10.53
N PRO A 55 7.76 -15.25 -9.42
CA PRO A 55 8.66 -15.66 -8.31
C PRO A 55 9.43 -16.93 -8.60
N LEU A 56 9.02 -17.68 -9.63
CA LEU A 56 9.64 -18.97 -9.95
C LEU A 56 10.67 -18.85 -11.05
N SER A 57 10.39 -18.05 -12.06
CA SER A 57 11.28 -17.93 -13.21
C SER A 57 10.87 -16.72 -14.03
N VAL A 58 11.63 -15.63 -13.93
CA VAL A 58 11.33 -14.44 -14.70
C VAL A 58 11.35 -14.75 -16.18
N GLU A 59 12.31 -15.57 -16.62
CA GLU A 59 12.38 -15.98 -18.02
C GLU A 59 11.08 -16.64 -18.47
N ARG A 60 10.53 -17.55 -17.66
CA ARG A 60 9.33 -18.26 -18.09
C ARG A 60 8.10 -17.37 -18.05
N ALA A 61 8.03 -16.47 -17.06
CA ALA A 61 6.91 -15.53 -17.00
C ALA A 61 6.88 -14.67 -18.25
N VAL A 62 8.05 -14.20 -18.68
CA VAL A 62 8.17 -13.41 -19.91
C VAL A 62 7.72 -14.23 -21.12
N VAL A 63 8.14 -15.49 -21.20
CA VAL A 63 7.68 -16.38 -22.27
C VAL A 63 6.15 -16.41 -22.36
N GLU A 64 5.48 -16.41 -21.20
CA GLU A 64 4.03 -16.55 -21.21
C GLU A 64 3.40 -15.38 -21.92
N LEU A 65 3.89 -14.15 -21.63
CA LEU A 65 3.33 -12.98 -22.27
C LEU A 65 3.79 -12.88 -23.73
N ASP A 66 5.01 -13.31 -24.00
CA ASP A 66 5.44 -13.37 -25.39
C ASP A 66 4.51 -14.25 -26.22
N THR A 67 4.11 -15.39 -25.65
CA THR A 67 3.23 -16.29 -26.39
C THR A 67 1.87 -15.66 -26.64
N LEU A 68 1.29 -15.01 -25.60
CA LEU A 68 0.02 -14.31 -25.78
C LEU A 68 0.14 -13.18 -26.80
N LEU A 69 1.18 -12.34 -26.68
CA LEU A 69 1.33 -11.21 -27.60
C LEU A 69 1.65 -11.66 -29.05
N SER A 70 2.18 -12.87 -29.23
CA SER A 70 2.38 -13.35 -30.58
C SER A 70 1.05 -13.71 -31.23
N ALA A 71 -0.01 -13.83 -30.43
CA ALA A 71 -1.32 -14.05 -31.01
C ALA A 71 -2.14 -12.76 -31.16
N GLN A 72 -1.54 -11.60 -30.92
CA GLN A 72 -2.28 -10.35 -30.97
C GLN A 72 -2.70 -10.06 -32.42
N TRP A 73 -3.93 -9.61 -32.58
CA TRP A 73 -4.45 -9.30 -33.91
C TRP A 73 -3.72 -8.11 -34.54
N ARG A 74 -3.81 -8.01 -35.87
CA ARG A 74 -3.14 -6.94 -36.60
C ARG A 74 -3.64 -5.55 -36.18
N ASN A 75 -4.89 -5.41 -35.76
CA ASN A 75 -5.38 -4.11 -35.29
C ASN A 75 -5.07 -3.88 -33.80
N GLY A 76 -4.40 -4.82 -33.11
CA GLY A 76 -3.98 -4.64 -31.74
C GLY A 76 -4.79 -5.40 -30.70
N MET A 77 -5.91 -6.00 -31.09
CA MET A 77 -6.72 -6.73 -30.11
C MET A 77 -5.98 -7.97 -29.66
N ILE A 78 -5.95 -8.19 -28.35
CA ILE A 78 -5.51 -9.48 -27.79
C ILE A 78 -6.74 -10.36 -27.70
N PRO A 79 -6.83 -11.44 -28.49
CA PRO A 79 -7.99 -12.33 -28.39
C PRO A 79 -8.03 -12.99 -27.02
N HIS A 80 -9.22 -13.41 -26.60
CA HIS A 80 -9.33 -13.97 -25.26
C HIS A 80 -8.91 -15.44 -25.17
N ILE A 81 -8.79 -16.16 -26.30
CA ILE A 81 -8.27 -17.53 -26.30
C ILE A 81 -7.21 -17.66 -27.38
N VAL A 82 -6.05 -18.19 -27.00
CA VAL A 82 -5.04 -18.70 -27.94
C VAL A 82 -5.08 -20.23 -27.82
N PHE A 83 -5.51 -20.90 -28.88
CA PHE A 83 -5.78 -22.32 -28.80
C PHE A 83 -4.48 -23.08 -28.93
N ALA A 84 -4.35 -24.14 -28.15
CA ALA A 84 -3.22 -25.04 -28.25
C ALA A 84 -3.41 -25.91 -29.48
N ASN A 85 -2.33 -26.13 -30.23
N ASN A 85 -2.35 -26.11 -30.25
CA ASN A 85 -2.44 -26.53 -31.64
CA ASN A 85 -2.50 -26.87 -31.48
C ASN A 85 -3.40 -27.70 -31.84
C ASN A 85 -2.84 -28.31 -31.15
N GLY A 86 -3.09 -28.85 -31.24
N GLY A 86 -3.82 -28.84 -31.89
CA GLY A 86 -3.86 -30.05 -31.52
CA GLY A 86 -4.22 -30.23 -31.77
C GLY A 86 -4.74 -30.53 -30.39
C GLY A 86 -5.12 -30.56 -30.59
N VAL A 87 -5.40 -29.59 -29.71
CA VAL A 87 -6.18 -29.88 -28.51
C VAL A 87 -7.67 -29.71 -28.80
N ASP A 88 -8.45 -30.73 -28.46
CA ASP A 88 -9.90 -30.64 -28.45
C ASP A 88 -10.38 -30.65 -27.00
N GLY A 89 -11.70 -30.65 -26.81
CA GLY A 89 -12.27 -30.74 -25.48
C GLY A 89 -12.78 -29.43 -24.90
N TYR A 90 -12.52 -28.30 -25.55
CA TYR A 90 -13.19 -27.04 -25.25
C TYR A 90 -14.07 -26.65 -26.43
N PHE A 91 -15.32 -26.30 -26.15
CA PHE A 91 -16.24 -25.73 -27.13
C PHE A 91 -16.73 -24.38 -26.63
N PRO A 92 -16.73 -23.34 -27.48
CA PRO A 92 -16.45 -23.31 -28.92
C PRO A 92 -14.95 -23.28 -29.26
N GLY A 93 -14.52 -24.23 -30.07
CA GLY A 93 -13.13 -24.32 -30.45
C GLY A 93 -12.85 -23.56 -31.72
N PRO A 94 -11.62 -23.66 -32.21
CA PRO A 94 -11.21 -22.95 -33.44
C PRO A 94 -12.18 -23.10 -34.62
N ALA A 95 -12.72 -24.30 -34.87
CA ALA A 95 -13.61 -24.48 -36.00
C ALA A 95 -14.87 -23.63 -35.85
N ARG A 96 -15.45 -23.59 -34.64
CA ARG A 96 -16.64 -22.79 -34.43
C ARG A 96 -16.36 -21.29 -34.65
N TRP A 97 -15.22 -20.79 -34.15
CA TRP A 97 -14.90 -19.37 -34.27
C TRP A 97 -14.57 -18.99 -35.71
N ALA A 98 -13.83 -19.86 -36.42
CA ALA A 98 -13.45 -19.68 -37.83
C ALA A 98 -12.74 -18.36 -38.08
N THR A 99 -12.11 -17.78 -37.05
CA THR A 99 -11.32 -16.56 -37.24
C THR A 99 -10.17 -16.82 -38.21
N ALA A 100 -9.71 -18.06 -38.31
CA ALA A 100 -8.60 -18.35 -39.21
C ALA A 100 -8.98 -18.11 -40.66
N THR A 101 -10.24 -18.39 -41.02
CA THR A 101 -10.67 -18.16 -42.40
C THR A 101 -11.40 -16.84 -42.57
N LEU A 102 -12.02 -16.29 -41.53
CA LEU A 102 -12.87 -15.13 -41.73
C LEU A 102 -12.25 -13.83 -41.28
N ALA A 103 -11.33 -13.85 -40.32
CA ALA A 103 -10.85 -12.63 -39.67
C ALA A 103 -9.58 -12.15 -40.37
N ASP A 104 -9.69 -11.08 -41.17
CA ASP A 104 -8.50 -10.54 -41.82
C ASP A 104 -7.42 -10.13 -40.81
N ASN A 105 -7.80 -9.72 -39.59
CA ASN A 105 -6.83 -9.27 -38.59
C ASN A 105 -6.25 -10.39 -37.73
N ALA A 106 -6.76 -11.62 -37.82
CA ALA A 106 -6.25 -12.69 -36.97
C ALA A 106 -4.82 -13.04 -37.34
N PRO A 107 -4.00 -13.48 -36.37
CA PRO A 107 -2.61 -13.80 -36.68
C PRO A 107 -2.53 -15.03 -37.57
N ARG A 108 -1.48 -15.08 -38.41
CA ARG A 108 -1.31 -16.21 -39.31
C ARG A 108 -0.73 -17.44 -38.63
N ASN A 109 -0.01 -17.29 -37.52
CA ASN A 109 0.68 -18.43 -36.91
C ASN A 109 0.02 -18.94 -35.63
N ARG A 110 -1.18 -18.48 -35.30
CA ARG A 110 -1.86 -18.92 -34.09
C ARG A 110 -3.34 -19.05 -34.39
N LEU A 111 -3.97 -20.00 -33.72
CA LEU A 111 -5.41 -20.09 -33.72
C LEU A 111 -5.91 -19.35 -32.48
N THR A 112 -6.83 -18.41 -32.69
CA THR A 112 -7.37 -17.61 -31.60
C THR A 112 -8.88 -17.53 -31.70
N SER A 113 -9.51 -17.04 -30.62
CA SER A 113 -10.91 -16.65 -30.62
C SER A 113 -11.06 -15.33 -31.38
N GLY A 114 -12.28 -14.77 -31.38
CA GLY A 114 -12.55 -13.52 -32.07
C GLY A 114 -13.00 -12.36 -31.19
N ILE A 115 -12.86 -12.47 -29.87
CA ILE A 115 -13.30 -11.45 -28.94
C ILE A 115 -12.15 -11.20 -27.97
N THR A 116 -12.31 -10.20 -27.09
CA THR A 116 -11.20 -9.77 -26.26
C THR A 116 -11.48 -10.09 -24.79
N GLN A 117 -10.68 -9.53 -23.87
CA GLN A 117 -10.82 -9.79 -22.43
C GLN A 117 -10.05 -8.69 -21.69
N PRO A 118 -10.25 -8.57 -20.34
CA PRO A 118 -9.82 -7.33 -19.66
C PRO A 118 -8.32 -7.16 -19.68
N PRO A 119 -7.82 -5.90 -19.67
CA PRO A 119 -6.39 -5.63 -19.91
C PRO A 119 -5.58 -5.60 -18.60
N VAL A 120 -5.55 -6.74 -17.90
CA VAL A 120 -4.74 -6.84 -16.68
C VAL A 120 -3.26 -7.00 -16.98
N HIS A 121 -2.91 -7.05 -18.26
CA HIS A 121 -1.56 -7.43 -18.69
C HIS A 121 -0.49 -6.49 -18.15
N ALA A 122 -0.75 -5.18 -18.08
CA ALA A 122 0.28 -4.29 -17.55
C ALA A 122 0.58 -4.61 -16.08
N ILE A 123 -0.43 -5.08 -15.34
CA ILE A 123 -0.20 -5.44 -13.94
C ILE A 123 0.80 -6.58 -13.85
N ALA A 124 0.63 -7.59 -14.68
CA ALA A 124 1.58 -8.68 -14.75
C ALA A 124 2.99 -8.18 -15.11
N VAL A 125 3.07 -7.23 -16.05
CA VAL A 125 4.38 -6.70 -16.43
C VAL A 125 5.03 -6.03 -15.23
N GLN A 126 4.26 -5.26 -14.45
N GLN A 126 4.27 -5.27 -14.43
CA GLN A 126 4.81 -4.60 -13.27
CA GLN A 126 4.85 -4.61 -13.28
C GLN A 126 5.37 -5.62 -12.28
C GLN A 126 5.37 -5.62 -12.25
N ARG A 127 4.64 -6.72 -12.05
CA ARG A 127 5.09 -7.72 -11.08
C ARG A 127 6.35 -8.42 -11.56
N ILE A 128 6.44 -8.66 -12.87
CA ILE A 128 7.66 -9.25 -13.42
C ILE A 128 8.84 -8.31 -13.20
N LEU A 129 8.67 -7.02 -13.53
CA LEU A 129 9.74 -6.05 -13.31
C LEU A 129 10.13 -5.97 -11.84
N GLU A 130 9.15 -5.93 -10.93
CA GLU A 130 9.51 -5.86 -9.52
C GLU A 130 10.29 -7.09 -9.09
N HIS A 131 9.81 -8.29 -9.44
CA HIS A 131 10.61 -9.49 -9.13
C HIS A 131 12.00 -9.40 -9.75
N ALA A 132 12.08 -8.97 -11.01
CA ALA A 132 13.38 -9.02 -11.69
C ALA A 132 14.38 -8.06 -11.04
N ARG A 133 13.89 -6.94 -10.52
CA ARG A 133 14.80 -6.00 -9.88
C ARG A 133 15.36 -6.55 -8.57
N THR A 134 14.73 -7.55 -7.98
CA THR A 134 15.31 -8.17 -6.79
C THR A 134 16.27 -9.31 -7.11
N ARG A 135 16.43 -9.68 -8.39
CA ARG A 135 17.16 -10.90 -8.73
C ARG A 135 18.51 -10.69 -9.41
N GLY A 136 18.96 -9.46 -9.58
CA GLY A 136 20.29 -9.30 -10.14
C GLY A 136 20.28 -9.00 -11.63
N ARG A 137 21.48 -8.63 -12.11
CA ARG A 137 21.63 -7.94 -13.40
C ARG A 137 21.08 -8.76 -14.55
N SER A 138 21.40 -10.05 -14.58
CA SER A 138 21.04 -10.89 -15.71
C SER A 138 19.53 -11.04 -15.83
N THR A 139 18.85 -11.09 -14.69
CA THR A 139 17.40 -11.21 -14.70
C THR A 139 16.77 -9.89 -15.08
N ARG A 140 17.33 -8.79 -14.60
CA ARG A 140 16.87 -7.48 -15.04
C ARG A 140 16.99 -7.35 -16.56
N ALA A 141 18.13 -7.76 -17.10
CA ALA A 141 18.31 -7.78 -18.54
C ALA A 141 17.19 -8.54 -19.26
N VAL A 142 16.77 -9.69 -18.71
CA VAL A 142 15.69 -10.47 -19.33
C VAL A 142 14.40 -9.66 -19.36
N ALA A 143 14.07 -9.02 -18.23
CA ALA A 143 12.84 -8.26 -18.16
C ALA A 143 12.90 -7.02 -19.05
N GLU A 144 14.02 -6.32 -19.04
CA GLU A 144 14.16 -5.14 -19.87
C GLU A 144 14.15 -5.49 -21.35
N ALA A 145 14.71 -6.64 -21.73
CA ALA A 145 14.70 -7.03 -23.12
C ALA A 145 13.28 -7.27 -23.59
N PHE A 146 12.45 -7.85 -22.70
CA PHE A 146 11.02 -8.03 -22.99
C PHE A 146 10.33 -6.70 -23.24
N LEU A 147 10.66 -5.66 -22.43
CA LEU A 147 10.06 -4.35 -22.68
C LEU A 147 10.46 -3.81 -24.06
N ASP A 148 11.75 -3.87 -24.39
CA ASP A 148 12.19 -3.49 -25.73
C ASP A 148 11.40 -4.20 -26.83
N ARG A 149 11.18 -5.50 -26.67
CA ARG A 149 10.50 -6.31 -27.69
C ARG A 149 9.02 -5.98 -27.80
N ARG A 150 8.37 -5.71 -26.67
CA ARG A 150 6.91 -5.79 -26.56
C ARG A 150 6.26 -4.48 -26.14
N TRP A 151 7.02 -3.45 -25.80
CA TRP A 151 6.40 -2.18 -25.43
C TRP A 151 5.44 -1.72 -26.52
N GLY A 152 5.88 -1.79 -27.77
CA GLY A 152 5.04 -1.34 -28.88
C GLY A 152 3.76 -2.13 -29.00
N ASP A 153 3.85 -3.45 -28.75
CA ASP A 153 2.65 -4.28 -28.82
C ASP A 153 1.68 -3.97 -27.67
N LEU A 154 2.21 -3.73 -26.46
CA LEU A 154 1.34 -3.37 -25.34
C LEU A 154 0.63 -2.04 -25.62
N MET A 155 1.34 -1.07 -26.24
CA MET A 155 0.72 0.20 -26.62
C MET A 155 -0.42 -0.03 -27.61
N ARG A 156 -0.17 -0.80 -28.67
CA ARG A 156 -1.19 -1.08 -29.68
C ARG A 156 -2.42 -1.75 -29.06
N TRP A 157 -2.21 -2.63 -28.08
CA TRP A 157 -3.28 -3.22 -27.30
C TRP A 157 -4.08 -2.15 -26.58
N HIS A 158 -3.43 -1.31 -25.77
CA HIS A 158 -4.18 -0.26 -25.08
C HIS A 158 -4.80 0.70 -26.10
N ARG A 159 -4.10 0.97 -27.20
N ARG A 159 -4.10 0.98 -27.20
CA ARG A 159 -4.63 1.93 -28.17
CA ARG A 159 -4.65 1.93 -28.16
C ARG A 159 -5.85 1.37 -28.89
C ARG A 159 -5.90 1.37 -28.85
N TRP A 160 -5.91 0.06 -29.12
CA TRP A 160 -7.07 -0.55 -29.74
C TRP A 160 -8.30 -0.43 -28.84
N LEU A 161 -8.12 -0.74 -27.55
CA LEU A 161 -9.23 -0.57 -26.60
C LEU A 161 -9.71 0.87 -26.58
N ALA A 162 -8.78 1.84 -26.46
CA ALA A 162 -9.20 3.24 -26.33
C ALA A 162 -9.83 3.77 -27.61
N GLU A 163 -9.32 3.33 -28.77
CA GLU A 163 -9.84 3.88 -30.00
C GLU A 163 -10.99 3.06 -30.56
N CYS A 164 -10.94 1.74 -30.48
CA CYS A 164 -11.94 0.96 -31.18
C CYS A 164 -13.06 0.45 -30.29
N ARG A 165 -12.84 0.33 -28.97
CA ARG A 165 -13.93 -0.02 -28.06
C ARG A 165 -14.43 1.17 -27.25
N ASP A 166 -13.89 2.36 -27.49
CA ASP A 166 -14.40 3.62 -26.90
C ASP A 166 -14.46 4.67 -28.00
N ARG A 167 -15.30 4.39 -29.01
CA ARG A 167 -15.36 5.20 -30.23
C ARG A 167 -15.88 6.60 -29.97
N ASN A 168 -16.77 6.77 -28.99
CA ASN A 168 -17.32 8.09 -28.69
C ASN A 168 -16.56 8.78 -27.58
N GLU A 169 -15.41 8.24 -27.17
CA GLU A 169 -14.58 8.81 -26.12
C GLU A 169 -15.43 9.09 -24.88
N ARG A 170 -16.15 8.07 -24.44
CA ARG A 170 -16.93 8.16 -23.22
C ARG A 170 -16.14 7.70 -22.00
N GLY A 171 -14.96 7.13 -22.19
CA GLY A 171 -14.22 6.63 -21.05
C GLY A 171 -14.73 5.32 -20.50
N ARG A 172 -15.44 4.55 -21.31
CA ARG A 172 -15.87 3.21 -20.94
C ARG A 172 -15.71 2.28 -22.14
N ILE A 173 -15.44 1.02 -21.84
CA ILE A 173 -15.16 0.01 -22.87
C ILE A 173 -16.46 -0.68 -23.24
N THR A 174 -16.79 -0.66 -24.52
CA THR A 174 -17.92 -1.43 -25.03
C THR A 174 -17.51 -2.89 -25.24
N LEU A 175 -18.34 -3.82 -24.74
CA LEU A 175 -18.22 -5.24 -25.03
C LEU A 175 -19.27 -5.64 -26.06
N TYR A 176 -18.91 -6.57 -26.96
CA TYR A 176 -19.88 -7.18 -27.86
C TYR A 176 -20.20 -8.61 -27.47
N HIS A 177 -19.70 -9.06 -26.32
CA HIS A 177 -19.98 -10.40 -25.82
C HIS A 177 -19.73 -10.40 -24.32
N GLY A 178 -20.60 -11.06 -23.57
CA GLY A 178 -20.39 -11.18 -22.14
C GLY A 178 -19.10 -11.90 -21.78
N TRP A 179 -18.65 -12.82 -22.63
CA TRP A 179 -17.37 -13.49 -22.38
C TRP A 179 -16.22 -12.49 -22.26
N GLU A 180 -16.32 -11.34 -22.95
CA GLU A 180 -15.27 -10.32 -22.87
C GLU A 180 -15.15 -9.69 -21.49
N SER A 181 -16.19 -9.77 -20.66
CA SER A 181 -16.10 -9.21 -19.32
C SER A 181 -15.32 -10.12 -18.39
N GLY A 182 -15.06 -11.37 -18.81
CA GLY A 182 -14.54 -12.40 -17.92
C GLY A 182 -15.55 -12.93 -16.91
N MET A 183 -16.75 -12.36 -16.85
CA MET A 183 -17.81 -12.79 -15.94
C MET A 183 -19.00 -13.30 -16.76
N ASP A 184 -18.82 -14.44 -17.44
CA ASP A 184 -19.75 -14.93 -18.46
C ASP A 184 -21.22 -14.75 -18.09
N ASN A 185 -21.62 -15.31 -16.96
CA ASN A 185 -23.04 -15.35 -16.59
C ASN A 185 -23.36 -14.39 -15.44
N SER A 186 -22.63 -13.29 -15.34
CA SER A 186 -22.94 -12.34 -14.29
C SER A 186 -24.38 -11.84 -14.43
N PRO A 187 -25.10 -11.63 -13.33
CA PRO A 187 -26.38 -10.93 -13.42
C PRO A 187 -26.28 -9.57 -14.09
N ARG A 188 -25.08 -8.97 -14.13
CA ARG A 188 -24.86 -7.73 -14.86
C ARG A 188 -25.46 -7.79 -16.25
N TRP A 189 -25.34 -8.93 -16.95
CA TRP A 189 -25.67 -9.00 -18.38
C TRP A 189 -27.05 -9.58 -18.67
N ASP A 190 -27.85 -9.90 -17.65
CA ASP A 190 -29.11 -10.61 -17.92
C ASP A 190 -30.08 -9.80 -18.78
N SER A 191 -30.25 -8.51 -18.49
CA SER A 191 -31.25 -7.78 -19.27
C SER A 191 -30.76 -7.54 -20.69
N ALA A 192 -29.44 -7.38 -20.88
CA ALA A 192 -28.92 -7.26 -22.23
C ALA A 192 -29.09 -8.58 -23.00
N TYR A 193 -28.82 -9.71 -22.34
CA TYR A 193 -28.96 -11.01 -22.99
C TYR A 193 -30.43 -11.31 -23.33
N ALA A 194 -31.37 -10.80 -22.54
CA ALA A 194 -32.78 -10.95 -22.90
C ALA A 194 -33.14 -10.32 -24.26
N ASN A 195 -32.40 -9.31 -24.72
N ASN A 195 -32.39 -9.32 -24.69
CA ASN A 195 -32.63 -8.74 -26.05
CA ASN A 195 -32.60 -8.71 -26.00
C ASN A 195 -31.90 -9.49 -27.16
C ASN A 195 -31.76 -9.37 -27.11
N VAL A 196 -31.13 -10.52 -26.83
CA VAL A 196 -30.44 -11.31 -27.84
C VAL A 196 -31.37 -12.43 -28.30
N VAL A 197 -31.79 -12.40 -29.55
CA VAL A 197 -32.75 -13.38 -30.07
C VAL A 197 -32.08 -14.17 -31.19
N PRO A 198 -31.66 -15.40 -30.92
CA PRO A 198 -30.97 -16.20 -31.94
C PRO A 198 -31.85 -16.49 -33.15
N GLY A 199 -31.23 -16.40 -34.33
CA GLY A 199 -31.85 -16.88 -35.56
C GLY A 199 -31.58 -18.38 -35.71
N LYS A 200 -31.25 -18.80 -36.92
CA LYS A 200 -30.94 -20.21 -37.18
C LYS A 200 -29.55 -20.52 -36.63
N LEU A 201 -29.49 -21.06 -35.42
CA LEU A 201 -28.22 -21.30 -34.73
C LEU A 201 -27.70 -22.68 -35.06
N PRO A 202 -26.54 -22.80 -35.68
CA PRO A 202 -26.02 -24.13 -36.05
C PRO A 202 -25.89 -25.03 -34.84
N GLU A 203 -26.34 -26.27 -35.02
CA GLU A 203 -26.32 -27.29 -33.98
C GLU A 203 -24.97 -27.34 -33.27
N TYR A 204 -25.01 -27.65 -31.98
CA TYR A 204 -23.76 -27.76 -31.23
C TYR A 204 -23.97 -28.61 -29.99
N GLN A 205 -22.85 -29.02 -29.40
CA GLN A 205 -22.85 -29.84 -28.19
C GLN A 205 -21.86 -29.21 -27.22
N ARG A 206 -22.33 -28.90 -26.01
CA ARG A 206 -21.45 -28.27 -25.03
C ARG A 206 -20.38 -29.27 -24.59
N ALA A 207 -19.19 -28.73 -24.30
CA ALA A 207 -18.12 -29.52 -23.69
C ALA A 207 -17.92 -29.22 -22.23
N ASP A 208 -18.21 -27.99 -21.79
CA ASP A 208 -17.86 -27.58 -20.43
C ASP A 208 -18.58 -28.41 -19.38
N ASN A 209 -19.86 -28.74 -19.61
CA ASN A 209 -20.65 -29.49 -18.63
C ASN A 209 -20.53 -30.99 -18.79
N VAL A 210 -19.71 -31.47 -19.73
CA VAL A 210 -19.21 -32.84 -19.68
C VAL A 210 -18.09 -32.94 -18.63
N ILE A 211 -17.36 -31.86 -18.41
CA ILE A 211 -16.26 -31.87 -17.46
C ILE A 211 -16.75 -31.45 -16.06
N ILE A 212 -17.51 -30.36 -15.98
CA ILE A 212 -18.22 -29.98 -14.77
C ILE A 212 -19.66 -30.47 -14.95
N THR A 213 -19.99 -31.64 -14.40
CA THR A 213 -21.30 -32.23 -14.66
C THR A 213 -22.41 -31.69 -13.77
N ASP A 214 -22.11 -31.15 -12.59
CA ASP A 214 -23.14 -30.56 -11.73
C ASP A 214 -23.79 -29.35 -12.42
N PRO A 215 -25.04 -29.44 -12.89
CA PRO A 215 -25.61 -28.30 -13.64
C PRO A 215 -25.65 -27.02 -12.83
N SER A 216 -25.65 -27.09 -11.51
CA SER A 216 -25.76 -25.89 -10.69
C SER A 216 -24.53 -24.99 -10.74
N GLN A 217 -23.40 -25.47 -11.26
CA GLN A 217 -22.13 -24.73 -11.21
C GLN A 217 -21.78 -24.02 -12.51
N ARG A 218 -22.57 -24.18 -13.57
CA ARG A 218 -22.27 -23.65 -14.89
C ARG A 218 -23.49 -22.95 -15.48
N PRO A 219 -23.31 -22.15 -16.52
CA PRO A 219 -24.46 -21.51 -17.20
C PRO A 219 -25.41 -22.55 -17.79
N SER A 220 -26.63 -22.10 -18.10
CA SER A 220 -27.65 -22.98 -18.63
C SER A 220 -27.50 -23.14 -20.14
N ASP A 221 -28.28 -24.05 -20.73
CA ASP A 221 -28.25 -24.21 -22.18
C ASP A 221 -28.77 -22.96 -22.87
N GLY A 222 -29.82 -22.35 -22.32
CA GLY A 222 -30.36 -21.14 -22.91
C GLY A 222 -29.33 -20.02 -22.97
N GLU A 223 -28.53 -19.89 -21.90
CA GLU A 223 -27.44 -18.92 -21.93
C GLU A 223 -26.45 -19.25 -23.04
N TYR A 224 -26.07 -20.54 -23.17
CA TYR A 224 -25.11 -20.89 -24.21
C TYR A 224 -25.67 -20.63 -25.60
N ASP A 225 -26.97 -20.86 -25.80
CA ASP A 225 -27.56 -20.52 -27.09
C ASP A 225 -27.27 -19.07 -27.45
N ARG A 226 -27.39 -18.18 -26.46
CA ARG A 226 -27.14 -16.77 -26.71
C ARG A 226 -25.66 -16.49 -26.89
N TYR A 227 -24.79 -17.09 -26.04
CA TYR A 227 -23.35 -16.94 -26.23
C TYR A 227 -22.96 -17.31 -27.65
N LEU A 228 -23.43 -18.47 -28.13
CA LEU A 228 -23.03 -18.98 -29.43
C LEU A 228 -23.67 -18.19 -30.57
N TRP A 229 -24.87 -17.65 -30.37
CA TRP A 229 -25.46 -16.86 -31.45
C TRP A 229 -24.68 -15.58 -31.70
N LEU A 230 -24.20 -14.91 -30.64
CA LEU A 230 -23.38 -13.73 -30.85
C LEU A 230 -22.16 -14.05 -31.72
N LEU A 231 -21.57 -15.26 -31.59
CA LEU A 231 -20.49 -15.65 -32.50
C LEU A 231 -20.94 -15.61 -33.94
N GLU A 232 -22.15 -16.09 -34.22
CA GLU A 232 -22.66 -16.06 -35.59
C GLU A 232 -22.80 -14.63 -36.11
N GLU A 233 -23.16 -13.69 -35.23
CA GLU A 233 -23.32 -12.31 -35.65
C GLU A 233 -21.98 -11.68 -36.01
N MET A 234 -20.93 -12.02 -35.25
CA MET A 234 -19.57 -11.57 -35.56
C MET A 234 -19.04 -12.26 -36.81
N LYS A 235 -19.22 -13.58 -36.92
CA LYS A 235 -18.74 -14.28 -38.09
C LYS A 235 -19.33 -13.68 -39.35
N ALA A 236 -20.61 -13.31 -39.32
CA ALA A 236 -21.27 -12.84 -40.54
C ALA A 236 -20.65 -11.56 -41.08
N VAL A 237 -19.98 -10.78 -40.25
CA VAL A 237 -19.30 -9.57 -40.68
C VAL A 237 -17.78 -9.75 -40.61
N ARG A 238 -17.31 -11.01 -40.61
CA ARG A 238 -15.89 -11.32 -40.65
C ARG A 238 -15.11 -10.59 -39.55
N TYR A 239 -15.73 -10.42 -38.39
CA TYR A 239 -15.08 -9.87 -37.22
C TYR A 239 -14.53 -8.47 -37.45
N ASP A 240 -15.05 -7.78 -38.46
CA ASP A 240 -14.68 -6.39 -38.77
C ASP A 240 -15.16 -5.45 -37.67
N ASP A 241 -14.20 -4.82 -36.98
CA ASP A 241 -14.44 -3.77 -35.98
C ASP A 241 -15.50 -2.76 -36.41
N GLU A 242 -15.39 -2.29 -37.65
CA GLU A 242 -16.25 -1.22 -38.14
C GLU A 242 -17.71 -1.63 -38.22
N ARG A 243 -17.99 -2.93 -38.37
N ARG A 243 -17.99 -2.93 -38.39
CA ARG A 243 -19.35 -3.38 -38.61
CA ARG A 243 -19.38 -3.35 -38.61
C ARG A 243 -20.05 -3.87 -37.35
C ARG A 243 -20.07 -3.86 -37.34
N LEU A 244 -19.32 -4.19 -36.29
CA LEU A 244 -19.96 -4.68 -35.07
C LEU A 244 -21.03 -3.74 -34.53
N PRO A 245 -20.83 -2.40 -34.48
CA PRO A 245 -21.90 -1.56 -33.94
C PRO A 245 -23.21 -1.70 -34.69
N SER A 246 -23.17 -2.02 -35.99
CA SER A 246 -24.40 -2.11 -36.77
C SER A 246 -25.14 -3.43 -36.56
N VAL A 247 -24.44 -4.51 -36.24
CA VAL A 247 -25.03 -5.84 -36.33
C VAL A 247 -25.15 -6.56 -34.99
N MET A 248 -24.36 -6.21 -33.99
CA MET A 248 -24.34 -7.00 -32.75
C MET A 248 -25.62 -6.78 -31.93
N SER A 249 -26.26 -7.89 -31.53
CA SER A 249 -27.42 -7.80 -30.64
C SER A 249 -27.03 -7.51 -29.18
N PHE A 250 -25.74 -7.46 -28.86
CA PHE A 250 -25.27 -7.30 -27.49
C PHE A 250 -24.22 -6.19 -27.52
N GLN A 251 -24.50 -5.06 -26.86
CA GLN A 251 -23.53 -3.97 -26.83
C GLN A 251 -23.62 -3.31 -25.47
N VAL A 252 -22.64 -3.55 -24.60
CA VAL A 252 -22.70 -3.00 -23.24
C VAL A 252 -21.39 -2.31 -22.91
N GLU A 253 -21.47 -1.24 -22.13
CA GLU A 253 -20.25 -0.68 -21.54
C GLU A 253 -20.01 -1.33 -20.18
N ASP A 254 -18.81 -1.88 -20.03
CA ASP A 254 -18.42 -2.68 -18.88
C ASP A 254 -17.60 -1.81 -17.95
N VAL A 255 -18.17 -1.46 -16.79
CA VAL A 255 -17.50 -0.51 -15.91
C VAL A 255 -16.33 -1.17 -15.17
N PHE A 256 -16.38 -2.48 -14.94
CA PHE A 256 -15.27 -3.14 -14.27
C PHE A 256 -14.05 -3.26 -15.20
N PHE A 257 -14.28 -3.74 -16.43
CA PHE A 257 -13.26 -3.72 -17.50
C PHE A 257 -12.68 -2.30 -17.63
N SER A 258 -13.54 -1.27 -17.57
CA SER A 258 -13.09 0.11 -17.76
C SER A 258 -12.18 0.54 -16.62
N ALA A 259 -12.55 0.19 -15.37
CA ALA A 259 -11.70 0.55 -14.24
C ALA A 259 -10.36 -0.18 -14.31
N ILE A 260 -10.38 -1.46 -14.70
CA ILE A 260 -9.14 -2.20 -14.93
C ILE A 260 -8.28 -1.48 -15.96
N PHE A 261 -8.91 -1.00 -17.04
CA PHE A 261 -8.16 -0.34 -18.09
C PHE A 261 -7.54 0.95 -17.58
N SER A 262 -8.28 1.73 -16.80
CA SER A 262 -7.72 2.93 -16.21
C SER A 262 -6.48 2.61 -15.37
N VAL A 263 -6.57 1.58 -14.51
CA VAL A 263 -5.42 1.18 -13.68
C VAL A 263 -4.26 0.69 -14.57
N ALA A 264 -4.54 -0.18 -15.54
CA ALA A 264 -3.49 -0.69 -16.44
C ALA A 264 -2.79 0.44 -17.21
N CYS A 265 -3.54 1.44 -17.69
CA CYS A 265 -2.90 2.56 -18.37
C CYS A 265 -1.94 3.30 -17.43
N GLN A 266 -2.36 3.53 -16.19
CA GLN A 266 -1.47 4.23 -15.25
C GLN A 266 -0.24 3.39 -14.92
N VAL A 267 -0.44 2.11 -14.65
CA VAL A 267 0.69 1.20 -14.41
C VAL A 267 1.67 1.21 -15.59
N LEU A 268 1.14 1.03 -16.80
CA LEU A 268 2.01 1.02 -18.00
C LEU A 268 2.67 2.36 -18.22
N ALA A 269 1.97 3.46 -17.91
CA ALA A 269 2.59 4.77 -18.03
C ALA A 269 3.77 4.89 -17.10
N GLU A 270 3.62 4.42 -15.86
CA GLU A 270 4.72 4.48 -14.90
C GLU A 270 5.90 3.63 -15.36
N ILE A 271 5.62 2.43 -15.89
CA ILE A 271 6.66 1.60 -16.45
C ILE A 271 7.35 2.33 -17.59
N GLY A 272 6.57 3.03 -18.43
CA GLY A 272 7.17 3.74 -19.55
C GLY A 272 8.13 4.82 -19.10
N GLU A 273 7.78 5.53 -18.02
CA GLU A 273 8.67 6.54 -17.44
C GLU A 273 9.94 5.90 -16.87
N ASP A 274 9.78 4.86 -16.07
CA ASP A 274 10.93 4.23 -15.44
C ASP A 274 11.93 3.69 -16.47
N TYR A 275 11.45 3.23 -17.62
CA TYR A 275 12.32 2.59 -18.60
C TYR A 275 12.45 3.40 -19.87
N LYS A 276 12.20 4.71 -19.79
CA LYS A 276 12.54 5.63 -20.86
C LYS A 276 11.91 5.23 -22.19
N ARG A 277 10.65 4.83 -22.14
N ARG A 277 10.65 4.83 -22.14
CA ARG A 277 9.87 4.60 -23.35
CA ARG A 277 9.86 4.61 -23.34
C ARG A 277 9.46 5.95 -23.95
C ARG A 277 9.48 5.96 -23.97
N PRO A 278 9.00 5.97 -25.21
CA PRO A 278 8.66 7.27 -25.84
C PRO A 278 7.67 8.10 -25.04
N HIS A 279 8.00 9.38 -24.87
CA HIS A 279 7.17 10.29 -24.08
C HIS A 279 5.75 10.36 -24.61
N ALA A 280 5.59 10.38 -25.94
CA ALA A 280 4.25 10.46 -26.51
C ALA A 280 3.39 9.28 -26.07
N ASP A 281 4.01 8.10 -25.93
CA ASP A 281 3.26 6.94 -25.45
C ASP A 281 2.82 7.14 -24.01
N VAL A 282 3.75 7.55 -23.15
CA VAL A 282 3.44 7.77 -21.75
C VAL A 282 2.34 8.81 -21.62
N LYS A 283 2.40 9.87 -22.43
CA LYS A 283 1.39 10.91 -22.42
C LYS A 283 0.03 10.34 -22.81
N ASP A 284 -0.03 9.55 -23.88
CA ASP A 284 -1.27 8.87 -24.25
C ASP A 284 -1.79 7.97 -23.11
N LEU A 285 -0.90 7.18 -22.48
CA LEU A 285 -1.35 6.30 -21.39
C LEU A 285 -1.95 7.09 -20.24
N TYR A 286 -1.33 8.21 -19.86
CA TYR A 286 -1.89 8.99 -18.76
C TYR A 286 -3.23 9.58 -19.17
N LEU A 287 -3.33 9.99 -20.42
CA LEU A 287 -4.59 10.54 -20.91
C LEU A 287 -5.71 9.50 -20.82
N TRP A 288 -5.44 8.25 -21.23
CA TRP A 288 -6.45 7.21 -21.11
C TRP A 288 -6.74 6.86 -19.66
N ALA A 289 -5.71 6.82 -18.81
CA ALA A 289 -5.94 6.52 -17.40
C ALA A 289 -6.96 7.49 -16.80
N GLU A 290 -6.82 8.76 -17.11
CA GLU A 290 -7.74 9.78 -16.60
C GLU A 290 -9.12 9.70 -17.25
N ARG A 291 -9.18 9.46 -18.57
CA ARG A 291 -10.47 9.38 -19.26
C ARG A 291 -11.30 8.22 -18.76
N PHE A 292 -10.69 7.06 -18.54
CA PHE A 292 -11.48 5.92 -18.09
C PHE A 292 -11.78 5.96 -16.61
N ARG A 293 -10.91 6.56 -15.80
CA ARG A 293 -11.28 6.86 -14.42
C ARG A 293 -12.55 7.73 -14.37
N ALA A 294 -12.56 8.83 -15.13
CA ALA A 294 -13.75 9.69 -15.16
C ALA A 294 -14.95 8.93 -15.69
N GLY A 295 -14.76 8.12 -16.75
CA GLY A 295 -15.88 7.37 -17.29
C GLY A 295 -16.46 6.40 -16.29
N VAL A 296 -15.60 5.82 -15.44
CA VAL A 296 -16.09 4.97 -14.36
C VAL A 296 -16.89 5.78 -13.33
N VAL A 297 -16.37 6.94 -12.90
CA VAL A 297 -17.03 7.73 -11.87
C VAL A 297 -18.40 8.23 -12.34
N GLU A 298 -18.52 8.54 -13.64
CA GLU A 298 -19.78 9.04 -14.17
C GLU A 298 -20.90 8.02 -14.01
N THR A 299 -20.58 6.73 -13.95
CA THR A 299 -21.63 5.72 -13.78
C THR A 299 -22.19 5.63 -12.36
N THR A 300 -21.61 6.30 -11.38
CA THR A 300 -21.78 5.85 -10.01
C THR A 300 -23.07 6.37 -9.36
N ASP A 301 -23.68 5.50 -8.56
CA ASP A 301 -24.82 5.84 -7.73
C ASP A 301 -24.47 7.00 -6.80
N GLN A 302 -25.39 7.97 -6.71
CA GLN A 302 -25.11 9.19 -5.95
C GLN A 302 -25.11 8.97 -4.44
N ARG A 303 -25.71 7.89 -3.95
CA ARG A 303 -25.69 7.59 -2.53
C ARG A 303 -24.60 6.62 -2.12
N THR A 304 -24.38 5.55 -2.87
CA THR A 304 -23.45 4.53 -2.42
C THR A 304 -22.12 4.55 -3.17
N GLY A 305 -22.00 5.30 -4.26
CA GLY A 305 -20.79 5.25 -5.08
C GLY A 305 -20.71 4.04 -6.01
N ALA A 306 -21.67 3.12 -5.94
CA ALA A 306 -21.62 1.90 -6.75
C ALA A 306 -21.65 2.19 -8.26
N ALA A 307 -20.77 1.53 -8.99
CA ALA A 307 -20.67 1.73 -10.44
C ALA A 307 -21.70 0.87 -11.18
N ARG A 308 -22.31 1.46 -12.21
CA ARG A 308 -23.29 0.78 -13.05
C ARG A 308 -22.69 0.50 -14.44
N ASP A 309 -23.05 -0.65 -15.01
CA ASP A 309 -22.79 -0.88 -16.42
C ASP A 309 -23.87 -0.17 -17.24
N PHE A 310 -23.64 -0.08 -18.54
CA PHE A 310 -24.55 0.66 -19.43
C PHE A 310 -24.88 -0.20 -20.64
N ASP A 311 -26.16 -0.36 -20.93
CA ASP A 311 -26.62 -1.11 -22.09
C ASP A 311 -26.70 -0.11 -23.24
N VAL A 312 -25.79 -0.23 -24.22
CA VAL A 312 -25.75 0.75 -25.30
C VAL A 312 -26.98 0.66 -26.18
N LEU A 313 -27.50 -0.56 -26.41
CA LEU A 313 -28.65 -0.70 -27.30
C LEU A 313 -29.91 -0.21 -26.60
N ALA A 314 -30.13 -0.64 -25.37
CA ALA A 314 -31.33 -0.21 -24.66
C ALA A 314 -31.21 1.23 -24.17
N GLU A 315 -29.99 1.79 -24.12
CA GLU A 315 -29.73 3.11 -23.55
C GLU A 315 -30.22 3.20 -22.10
N LYS A 316 -29.74 2.26 -21.29
CA LYS A 316 -30.20 2.06 -19.92
C LYS A 316 -29.00 1.72 -19.02
N TRP A 317 -28.94 2.37 -17.87
CA TRP A 317 -28.03 1.96 -16.81
C TRP A 317 -28.42 0.59 -16.28
N LEU A 318 -27.44 -0.30 -16.13
CA LEU A 318 -27.67 -1.66 -15.65
C LEU A 318 -27.37 -1.68 -14.15
N VAL A 319 -28.41 -1.78 -13.34
CA VAL A 319 -28.30 -1.74 -11.88
C VAL A 319 -28.40 -3.17 -11.37
N THR A 320 -27.29 -3.71 -10.88
CA THR A 320 -27.24 -5.05 -10.32
C THR A 320 -26.34 -4.99 -9.09
N GLU A 321 -26.33 -6.08 -8.32
CA GLU A 321 -25.59 -6.15 -7.06
C GLU A 321 -24.48 -7.18 -7.15
N THR A 322 -23.48 -6.89 -7.98
CA THR A 322 -22.34 -7.77 -8.12
C THR A 322 -21.09 -7.04 -7.66
N ALA A 323 -19.98 -7.79 -7.60
CA ALA A 323 -18.70 -7.22 -7.21
C ALA A 323 -18.21 -6.16 -8.20
N ALA A 324 -18.79 -6.12 -9.40
CA ALA A 324 -18.39 -5.08 -10.35
C ALA A 324 -18.78 -3.69 -9.89
N GLN A 325 -19.78 -3.56 -9.01
CA GLN A 325 -20.12 -2.24 -8.47
C GLN A 325 -18.93 -1.55 -7.84
N PHE A 326 -17.94 -2.32 -7.40
CA PHE A 326 -16.79 -1.75 -6.71
C PHE A 326 -15.67 -1.33 -7.63
N ALA A 327 -15.92 -1.32 -8.96
CA ALA A 327 -14.97 -0.78 -9.93
C ALA A 327 -14.31 0.53 -9.51
N PRO A 328 -15.02 1.53 -8.98
CA PRO A 328 -14.34 2.79 -8.65
C PRO A 328 -13.28 2.67 -7.55
N LEU A 329 -13.36 1.65 -6.68
CA LEU A 329 -12.29 1.46 -5.69
C LEU A 329 -10.97 1.06 -6.33
N LEU A 330 -11.05 0.39 -7.48
CA LEU A 330 -9.85 -0.03 -8.21
C LEU A 330 -9.09 1.16 -8.79
N CYS A 331 -9.80 2.04 -9.49
CA CYS A 331 -9.14 3.10 -10.24
C CYS A 331 -9.16 4.44 -9.54
N GLY A 332 -9.90 4.59 -8.44
CA GLY A 332 -9.97 5.87 -7.78
C GLY A 332 -10.92 6.81 -8.51
N GLY A 333 -11.10 7.99 -7.94
CA GLY A 333 -11.80 9.08 -8.61
C GLY A 333 -13.08 9.54 -7.95
N LEU A 334 -13.70 8.73 -7.08
CA LEU A 334 -14.90 9.19 -6.39
C LEU A 334 -14.57 10.32 -5.41
N PRO A 335 -15.50 11.25 -5.17
CA PRO A 335 -15.28 12.20 -4.07
C PRO A 335 -15.16 11.44 -2.76
N HIS A 336 -14.45 12.06 -1.82
CA HIS A 336 -14.11 11.40 -0.55
C HIS A 336 -15.34 10.76 0.10
N ASP A 337 -16.45 11.51 0.17
CA ASP A 337 -17.62 11.03 0.90
C ASP A 337 -18.26 9.84 0.20
N ARG A 338 -18.32 9.84 -1.13
CA ARG A 338 -18.93 8.70 -1.79
C ARG A 338 -18.03 7.47 -1.75
N GLU A 339 -16.69 7.63 -1.70
CA GLU A 339 -15.84 6.45 -1.63
C GLU A 339 -15.96 5.79 -0.26
N ARG A 340 -16.10 6.59 0.80
CA ARG A 340 -16.42 6.03 2.10
C ARG A 340 -17.74 5.24 2.06
N ALA A 341 -18.76 5.77 1.37
CA ALA A 341 -20.01 5.02 1.23
C ALA A 341 -19.79 3.70 0.51
N LEU A 342 -18.97 3.72 -0.53
CA LEU A 342 -18.76 2.52 -1.31
C LEU A 342 -17.99 1.48 -0.50
N LEU A 343 -16.95 1.91 0.22
CA LEU A 343 -16.25 1.00 1.10
C LEU A 343 -17.19 0.43 2.16
N LYS A 344 -18.12 1.25 2.67
CA LYS A 344 -19.08 0.76 3.64
C LYS A 344 -19.99 -0.32 3.05
N LEU A 345 -20.47 -0.12 1.83
CA LEU A 345 -21.21 -1.19 1.15
C LEU A 345 -20.34 -2.43 0.97
N LEU A 346 -19.06 -2.27 0.61
CA LEU A 346 -18.19 -3.42 0.40
C LEU A 346 -18.03 -4.22 1.69
N GLU A 347 -17.88 -3.54 2.81
CA GLU A 347 -17.55 -4.22 4.04
C GLU A 347 -18.77 -4.64 4.83
N GLY A 348 -19.94 -4.09 4.53
CA GLY A 348 -21.13 -4.32 5.31
C GLY A 348 -21.82 -5.63 4.96
N PRO A 349 -23.06 -5.78 5.42
CA PRO A 349 -23.71 -7.10 5.39
C PRO A 349 -24.21 -7.54 4.02
N ARG A 350 -24.19 -6.68 2.98
CA ARG A 350 -24.56 -7.16 1.66
C ARG A 350 -23.40 -7.83 0.93
N PHE A 351 -22.16 -7.64 1.40
CA PHE A 351 -21.01 -8.27 0.76
C PHE A 351 -20.07 -8.89 1.80
N CYS A 352 -18.88 -8.33 2.03
CA CYS A 352 -17.88 -9.03 2.85
C CYS A 352 -18.34 -9.27 4.27
N GLY A 353 -19.21 -8.42 4.81
CA GLY A 353 -19.67 -8.61 6.17
C GLY A 353 -20.96 -9.40 6.30
N HIS A 354 -21.36 -10.11 5.25
CA HIS A 354 -22.57 -10.92 5.35
C HIS A 354 -22.38 -11.98 6.44
N PRO A 355 -23.35 -12.14 7.34
CA PRO A 355 -23.09 -12.98 8.53
C PRO A 355 -22.85 -14.46 8.24
N ASP A 356 -23.29 -14.98 7.08
CA ASP A 356 -23.18 -16.41 6.84
C ASP A 356 -21.95 -16.79 6.02
N LEU A 357 -21.09 -15.82 5.70
CA LEU A 357 -19.92 -16.11 4.87
C LEU A 357 -18.88 -16.86 5.68
N LYS A 358 -18.34 -17.93 5.08
CA LYS A 358 -17.25 -18.64 5.74
C LYS A 358 -16.02 -17.74 5.88
N TYR A 359 -15.69 -16.96 4.84
CA TYR A 359 -14.53 -16.09 4.85
C TYR A 359 -14.94 -14.64 4.67
N GLY A 360 -14.06 -13.74 5.12
CA GLY A 360 -14.27 -12.32 4.90
C GLY A 360 -13.81 -11.93 3.50
N LEU A 361 -14.56 -12.38 2.48
CA LEU A 361 -14.18 -12.21 1.09
C LEU A 361 -15.37 -11.67 0.29
N ILE A 362 -15.10 -11.18 -0.92
CA ILE A 362 -16.13 -10.53 -1.74
C ILE A 362 -16.84 -11.60 -2.58
N PRO A 363 -18.13 -11.84 -2.35
CA PRO A 363 -18.87 -12.74 -3.25
C PRO A 363 -19.16 -12.06 -4.58
N SER A 364 -19.21 -12.87 -5.65
CA SER A 364 -19.33 -12.29 -6.99
C SER A 364 -20.67 -11.61 -7.19
N THR A 365 -21.72 -12.12 -6.53
CA THR A 365 -23.01 -11.45 -6.42
C THR A 365 -23.37 -11.37 -4.94
N SER A 366 -24.03 -10.28 -4.55
CA SER A 366 -24.42 -10.14 -3.15
C SER A 366 -25.33 -11.28 -2.69
N PRO A 367 -25.03 -11.91 -1.54
CA PRO A 367 -25.94 -12.96 -1.03
C PRO A 367 -27.37 -12.48 -0.79
N VAL A 368 -27.60 -11.18 -0.63
CA VAL A 368 -28.94 -10.70 -0.36
C VAL A 368 -29.69 -10.28 -1.63
N SER A 369 -29.01 -10.22 -2.76
CA SER A 369 -29.70 -10.01 -4.04
C SER A 369 -30.57 -11.21 -4.41
N ARG A 370 -31.72 -10.94 -5.04
N ARG A 370 -31.72 -10.94 -5.05
CA ARG A 370 -32.53 -12.01 -5.61
CA ARG A 370 -32.51 -12.05 -5.57
C ARG A 370 -31.79 -12.76 -6.69
C ARG A 370 -31.84 -12.73 -6.75
N ASP A 371 -30.81 -12.13 -7.33
CA ASP A 371 -30.03 -12.81 -8.37
C ASP A 371 -29.08 -13.86 -7.82
N PHE A 372 -28.90 -13.93 -6.50
CA PHE A 372 -27.83 -14.71 -5.91
C PHE A 372 -28.05 -16.21 -6.09
N ARG A 373 -27.02 -16.92 -6.50
CA ARG A 373 -27.05 -18.38 -6.56
C ARG A 373 -25.72 -18.87 -6.00
N PRO A 374 -25.70 -19.59 -4.87
CA PRO A 374 -24.42 -19.82 -4.17
C PRO A 374 -23.43 -20.68 -4.94
N ARG A 375 -23.88 -21.46 -5.93
CA ARG A 375 -22.98 -22.36 -6.66
C ARG A 375 -22.69 -21.92 -8.09
N GLU A 376 -23.36 -20.91 -8.62
CA GLU A 376 -23.58 -20.79 -10.06
C GLU A 376 -22.64 -19.77 -10.71
N TYR A 377 -21.34 -20.12 -10.71
CA TYR A 377 -20.31 -19.44 -11.51
C TYR A 377 -20.13 -17.99 -11.04
N TRP A 378 -20.55 -16.99 -11.82
CA TRP A 378 -20.46 -15.58 -11.40
C TRP A 378 -21.70 -15.07 -10.69
N ARG A 379 -22.68 -15.94 -10.41
CA ARG A 379 -23.92 -15.52 -9.74
C ARG A 379 -23.83 -15.55 -8.20
N GLY A 380 -22.63 -15.59 -7.63
CA GLY A 380 -22.57 -15.73 -6.20
C GLY A 380 -21.26 -16.22 -5.58
N PRO A 381 -20.64 -17.25 -6.16
CA PRO A 381 -19.44 -17.83 -5.55
C PRO A 381 -18.31 -16.81 -5.35
N VAL A 382 -17.40 -17.14 -4.41
CA VAL A 382 -16.23 -16.30 -4.15
C VAL A 382 -15.11 -16.73 -5.08
N TRP A 383 -14.50 -15.77 -5.79
CA TRP A 383 -13.46 -16.05 -6.78
C TRP A 383 -12.09 -15.62 -6.30
N PRO A 384 -11.13 -16.55 -6.15
CA PRO A 384 -9.80 -16.11 -5.72
C PRO A 384 -9.16 -15.08 -6.63
N VAL A 385 -9.38 -15.16 -7.95
CA VAL A 385 -8.79 -14.17 -8.86
C VAL A 385 -9.27 -12.77 -8.50
N LEU A 386 -10.55 -12.63 -8.08
CA LEU A 386 -11.06 -11.30 -7.69
C LEU A 386 -10.49 -10.85 -6.35
N THR A 387 -10.39 -11.77 -5.39
CA THR A 387 -9.70 -11.46 -4.15
C THR A 387 -8.31 -10.90 -4.43
N TRP A 388 -7.55 -11.56 -5.35
CA TRP A 388 -6.19 -11.07 -5.61
C TRP A 388 -6.23 -9.69 -6.23
N LEU A 389 -7.14 -9.48 -7.19
CA LEU A 389 -7.15 -8.21 -7.91
C LEU A 389 -7.55 -7.06 -6.98
N PHE A 390 -8.58 -7.28 -6.16
CA PHE A 390 -8.96 -6.25 -5.22
C PHE A 390 -7.85 -5.98 -4.22
N SER A 391 -7.22 -7.04 -3.72
N SER A 391 -7.21 -7.03 -3.72
CA SER A 391 -6.16 -6.85 -2.72
CA SER A 391 -6.17 -6.84 -2.71
C SER A 391 -5.01 -6.02 -3.29
C SER A 391 -4.99 -6.05 -3.28
N TRP A 392 -4.58 -6.36 -4.52
CA TRP A 392 -3.48 -5.63 -5.13
C TRP A 392 -3.87 -4.20 -5.45
N CYS A 393 -5.06 -3.99 -6.02
CA CYS A 393 -5.51 -2.62 -6.25
C CYS A 393 -5.69 -1.85 -4.94
N PHE A 394 -6.17 -2.52 -3.87
CA PHE A 394 -6.34 -1.81 -2.60
C PHE A 394 -5.00 -1.38 -2.04
N ALA A 395 -3.96 -2.23 -2.18
CA ALA A 395 -2.65 -1.85 -1.67
C ALA A 395 -2.11 -0.68 -2.46
N ARG A 396 -2.38 -0.66 -3.78
N ARG A 396 -2.37 -0.67 -3.77
CA ARG A 396 -1.96 0.44 -4.62
CA ARG A 396 -1.97 0.43 -4.64
C ARG A 396 -2.68 1.75 -4.26
C ARG A 396 -2.68 1.73 -4.27
N ARG A 397 -3.92 1.67 -3.75
CA ARG A 397 -4.57 2.87 -3.24
C ARG A 397 -3.98 3.32 -1.91
N GLY A 398 -3.10 2.53 -1.29
CA GLY A 398 -2.62 2.88 0.02
C GLY A 398 -3.42 2.31 1.17
N TRP A 399 -4.37 1.41 0.92
CA TRP A 399 -5.21 0.83 1.99
C TRP A 399 -4.55 -0.47 2.46
N ALA A 400 -3.44 -0.31 3.20
CA ALA A 400 -2.55 -1.43 3.47
C ALA A 400 -3.24 -2.51 4.30
N GLU A 401 -3.91 -2.10 5.37
CA GLU A 401 -4.65 -3.05 6.19
C GLU A 401 -5.80 -3.71 5.42
N ARG A 402 -6.55 -2.95 4.61
CA ARG A 402 -7.63 -3.58 3.84
C ARG A 402 -7.08 -4.64 2.89
N ALA A 403 -6.00 -4.31 2.18
CA ALA A 403 -5.35 -5.29 1.29
C ALA A 403 -4.87 -6.49 2.09
N ARG A 404 -4.31 -6.25 3.27
CA ARG A 404 -3.77 -7.35 4.06
C ARG A 404 -4.89 -8.30 4.49
N LEU A 405 -6.04 -7.77 4.88
CA LEU A 405 -7.12 -8.62 5.34
C LEU A 405 -7.69 -9.48 4.21
N LEU A 406 -7.89 -8.90 3.03
CA LEU A 406 -8.29 -9.71 1.88
C LEU A 406 -7.27 -10.79 1.57
N ARG A 407 -5.98 -10.45 1.59
N ARG A 407 -5.99 -10.44 1.60
CA ARG A 407 -4.98 -11.47 1.29
CA ARG A 407 -4.90 -11.37 1.33
C ARG A 407 -5.01 -12.59 2.35
C ARG A 407 -4.93 -12.52 2.35
N GLN A 408 -5.15 -12.20 3.62
CA GLN A 408 -5.14 -13.18 4.70
C GLN A 408 -6.31 -14.16 4.57
N GLU A 409 -7.54 -13.65 4.39
CA GLU A 409 -8.70 -14.51 4.18
C GLU A 409 -8.57 -15.35 2.91
N GLY A 410 -8.00 -14.79 1.84
CA GLY A 410 -7.80 -15.56 0.62
C GLY A 410 -6.86 -16.72 0.79
N LEU A 411 -5.79 -16.52 1.58
CA LEU A 411 -4.87 -17.62 1.88
C LEU A 411 -5.53 -18.65 2.75
N ARG A 412 -6.38 -18.21 3.68
CA ARG A 412 -7.12 -19.16 4.50
C ARG A 412 -8.04 -20.02 3.64
N GLN A 413 -8.76 -19.39 2.72
CA GLN A 413 -9.64 -20.16 1.86
C GLN A 413 -8.85 -21.10 0.96
N ALA A 414 -7.70 -20.66 0.45
CA ALA A 414 -6.91 -21.49 -0.45
C ALA A 414 -6.14 -22.58 0.27
N SER A 415 -6.15 -22.58 1.60
CA SER A 415 -5.25 -23.47 2.29
C SER A 415 -5.70 -24.93 2.22
N ASP A 416 -6.86 -25.24 1.60
CA ASP A 416 -7.23 -26.64 1.38
C ASP A 416 -6.40 -27.28 0.26
N GLY A 417 -5.67 -26.48 -0.50
CA GLY A 417 -4.89 -26.97 -1.62
C GLY A 417 -5.69 -27.42 -2.84
N SER A 418 -6.98 -27.10 -2.90
CA SER A 418 -7.72 -27.52 -4.09
C SER A 418 -7.45 -26.61 -5.28
N PHE A 419 -7.05 -25.37 -5.01
CA PHE A 419 -6.84 -24.38 -6.05
C PHE A 419 -8.08 -24.28 -6.94
N ALA A 420 -9.23 -24.25 -6.28
CA ALA A 420 -10.51 -24.21 -6.99
C ALA A 420 -10.66 -22.91 -7.78
N GLU A 421 -11.40 -23.03 -8.89
CA GLU A 421 -11.80 -21.89 -9.70
C GLU A 421 -12.55 -20.84 -8.88
N TYR A 422 -13.54 -21.29 -8.09
CA TYR A 422 -14.35 -20.45 -7.20
C TYR A 422 -14.85 -21.32 -6.05
N TYR A 423 -15.38 -20.67 -5.02
CA TYR A 423 -15.76 -21.36 -3.78
C TYR A 423 -17.17 -20.99 -3.36
N GLU A 424 -17.89 -21.97 -2.81
CA GLU A 424 -19.19 -21.70 -2.24
C GLU A 424 -19.06 -20.68 -1.10
N PRO A 425 -19.84 -19.60 -1.11
CA PRO A 425 -19.58 -18.51 -0.15
C PRO A 425 -19.83 -18.89 1.29
N PHE A 426 -20.73 -19.83 1.56
CA PHE A 426 -21.18 -20.18 2.90
C PHE A 426 -20.48 -21.40 3.49
N THR A 427 -20.29 -22.44 2.69
CA THR A 427 -19.65 -23.68 3.16
C THR A 427 -18.17 -23.73 2.82
N GLY A 428 -17.70 -22.92 1.88
CA GLY A 428 -16.34 -23.01 1.40
C GLY A 428 -16.06 -24.22 0.53
N GLU A 429 -17.09 -24.89 0.02
CA GLU A 429 -16.86 -26.02 -0.89
C GLU A 429 -16.14 -25.55 -2.16
N PRO A 430 -15.08 -26.23 -2.60
CA PRO A 430 -14.44 -25.87 -3.88
C PRO A 430 -15.38 -26.15 -5.05
N LEU A 431 -15.53 -25.18 -5.96
CA LEU A 431 -16.42 -25.33 -7.10
C LEU A 431 -15.67 -25.09 -8.43
N GLY A 432 -16.36 -25.36 -9.54
CA GLY A 432 -15.72 -25.13 -10.82
C GLY A 432 -14.60 -26.13 -11.05
N SER A 433 -13.60 -25.74 -11.83
CA SER A 433 -12.47 -26.64 -12.03
C SER A 433 -11.53 -26.61 -10.83
N MET A 434 -11.06 -27.78 -10.43
CA MET A 434 -9.91 -27.82 -9.53
C MET A 434 -8.65 -27.49 -10.34
N GLN A 435 -7.56 -27.26 -9.61
CA GLN A 435 -6.27 -26.94 -10.22
C GLN A 435 -6.35 -25.79 -11.24
N GLN A 436 -7.10 -24.75 -10.89
CA GLN A 436 -7.21 -23.55 -11.73
C GLN A 436 -5.92 -22.73 -11.65
N SER A 437 -5.29 -22.44 -12.82
CA SER A 437 -3.97 -21.79 -12.83
C SER A 437 -3.99 -20.44 -12.15
N TRP A 438 -5.01 -19.59 -12.41
CA TRP A 438 -4.90 -18.27 -11.79
C TRP A 438 -5.18 -18.27 -10.28
N THR A 439 -5.81 -19.31 -9.74
CA THR A 439 -5.90 -19.41 -8.28
C THR A 439 -4.55 -19.76 -7.66
N ALA A 440 -3.82 -20.68 -8.28
CA ALA A 440 -2.46 -21.00 -7.83
C ALA A 440 -1.58 -19.76 -7.92
N ALA A 441 -1.77 -18.98 -8.98
CA ALA A 441 -0.92 -17.81 -9.19
C ALA A 441 -1.21 -16.75 -8.15
N ALA A 442 -2.48 -16.61 -7.76
CA ALA A 442 -2.81 -15.69 -6.68
C ALA A 442 -2.06 -16.11 -5.42
N VAL A 443 -2.07 -17.41 -5.11
CA VAL A 443 -1.40 -17.92 -3.91
C VAL A 443 0.11 -17.71 -3.99
N LEU A 444 0.70 -18.02 -5.16
CA LEU A 444 2.13 -17.81 -5.31
C LEU A 444 2.52 -16.35 -5.10
N ASP A 445 1.75 -15.41 -5.67
CA ASP A 445 2.08 -14.00 -5.50
C ASP A 445 1.97 -13.57 -4.05
N TRP A 446 0.91 -14.02 -3.38
CA TRP A 446 0.69 -13.63 -2.00
C TRP A 446 1.78 -14.15 -1.08
N LEU A 447 2.17 -15.40 -1.23
N LEU A 447 2.50 -15.20 -1.52
CA LEU A 447 2.93 -15.99 -0.13
CA LEU A 447 3.55 -15.91 -0.77
C LEU A 447 4.25 -15.28 0.08
C LEU A 447 4.92 -15.92 -1.43
N GLY A 448 4.76 -14.63 -0.96
N GLY A 448 5.07 -15.40 -2.64
CA GLY A 448 6.07 -13.99 -0.89
CA GLY A 448 6.30 -15.55 -3.39
C GLY A 448 7.10 -15.05 -0.60
C GLY A 448 7.26 -14.38 -3.38
N PRO B 4 27.81 -18.86 16.08
CA PRO B 4 28.30 -19.87 15.13
C PRO B 4 28.29 -19.37 13.69
N HIS B 5 28.03 -20.28 12.74
CA HIS B 5 28.03 -19.91 11.32
C HIS B 5 26.98 -18.84 11.02
N ASP B 6 25.85 -18.87 11.71
CA ASP B 6 24.78 -17.90 11.50
C ASP B 6 24.22 -17.46 12.85
N PRO B 7 24.55 -16.26 13.31
CA PRO B 7 24.03 -15.80 14.61
C PRO B 7 22.75 -14.97 14.47
N SER B 8 21.99 -15.17 13.41
CA SER B 8 20.74 -14.44 13.29
C SER B 8 19.61 -15.22 13.94
N PHE B 9 18.52 -14.51 14.28
CA PHE B 9 17.33 -15.15 14.83
C PHE B 9 16.28 -15.41 13.75
N THR B 10 15.49 -16.47 13.95
CA THR B 10 14.36 -16.76 13.08
C THR B 10 13.27 -15.71 13.32
N PRO B 11 12.28 -15.61 12.43
CA PRO B 11 11.20 -14.64 12.70
C PRO B 11 10.50 -14.86 14.03
N THR B 12 10.22 -16.12 14.40
CA THR B 12 9.53 -16.36 15.66
C THR B 12 10.42 -16.03 16.85
N GLN B 13 11.71 -16.39 16.79
CA GLN B 13 12.63 -16.05 17.88
C GLN B 13 12.77 -14.54 18.01
N LEU B 14 12.90 -13.84 16.87
CA LEU B 14 13.03 -12.39 16.88
C LEU B 14 11.77 -11.74 17.44
N ALA B 15 10.60 -12.23 17.06
CA ALA B 15 9.37 -11.63 17.59
C ALA B 15 9.28 -11.86 19.09
N ALA B 16 9.64 -13.06 19.54
CA ALA B 16 9.63 -13.38 20.97
C ALA B 16 10.58 -12.47 21.75
N ARG B 17 11.85 -12.37 21.33
CA ARG B 17 12.80 -11.51 22.03
C ARG B 17 12.38 -10.04 21.99
N ALA B 18 11.74 -9.58 20.89
CA ALA B 18 11.28 -8.19 20.84
C ALA B 18 10.22 -7.94 21.90
N ALA B 19 9.28 -8.88 22.05
CA ALA B 19 8.22 -8.73 23.03
C ALA B 19 8.78 -8.82 24.43
N TYR B 20 9.72 -9.75 24.63
CA TYR B 20 10.42 -9.92 25.88
C TYR B 20 11.07 -8.61 26.33
N LEU B 21 11.86 -7.99 25.44
CA LEU B 21 12.48 -6.69 25.68
C LEU B 21 11.45 -5.63 26.08
N LEU B 22 10.36 -5.52 25.32
CA LEU B 22 9.38 -4.47 25.55
C LEU B 22 8.76 -4.59 26.94
N ARG B 23 8.39 -5.82 27.32
CA ARG B 23 7.85 -6.03 28.65
C ARG B 23 8.90 -5.77 29.72
N GLY B 24 10.16 -6.04 29.40
CA GLY B 24 11.24 -5.78 30.34
C GLY B 24 11.49 -4.30 30.60
N ASN B 25 11.23 -3.43 29.61
CA ASN B 25 11.37 -1.99 29.80
C ASN B 25 10.12 -1.32 30.39
N ASP B 26 9.07 -2.10 30.69
CA ASP B 26 7.83 -1.60 31.30
C ASP B 26 8.02 -1.35 32.79
N LEU B 27 7.87 -0.09 33.23
N LEU B 27 7.86 -0.09 33.23
CA LEU B 27 7.89 0.24 34.65
CA LEU B 27 7.87 0.23 34.64
C LEU B 27 6.53 0.05 35.30
C LEU B 27 6.53 0.00 35.31
N GLY B 28 5.48 -0.26 34.54
CA GLY B 28 4.16 -0.45 35.08
C GLY B 28 3.10 0.18 34.20
N THR B 29 3.11 1.51 34.13
CA THR B 29 2.26 2.27 33.24
C THR B 29 3.06 3.02 32.17
N MET B 30 4.39 2.94 32.22
CA MET B 30 5.20 3.53 31.17
C MET B 30 6.39 2.63 30.89
N THR B 31 6.87 2.72 29.67
CA THR B 31 7.96 1.90 29.17
C THR B 31 9.14 2.84 28.91
N THR B 32 10.31 2.51 29.42
CA THR B 32 11.43 3.39 29.16
C THR B 32 11.90 3.22 27.71
N ALA B 33 12.53 4.27 27.17
CA ALA B 33 12.96 4.20 25.76
C ALA B 33 14.17 3.29 25.58
N ALA B 34 15.02 3.20 26.59
CA ALA B 34 16.04 2.16 26.67
C ALA B 34 16.18 1.80 28.14
N PRO B 35 16.85 0.70 28.46
CA PRO B 35 16.96 0.33 29.90
C PRO B 35 17.71 1.35 30.74
N LEU B 36 18.80 1.93 30.22
CA LEU B 36 19.68 2.79 31.02
C LEU B 36 19.94 4.16 30.42
N LEU B 37 20.17 4.23 29.10
CA LEU B 37 20.52 5.51 28.48
C LEU B 37 19.34 6.45 28.51
N TYR B 38 18.13 5.91 28.37
CA TYR B 38 16.89 6.70 28.36
C TYR B 38 15.91 6.10 29.35
N PRO B 39 16.14 6.30 30.67
CA PRO B 39 15.38 5.52 31.67
C PRO B 39 14.04 6.14 32.00
N HIS B 40 13.43 6.84 31.04
CA HIS B 40 12.13 7.49 31.21
C HIS B 40 11.31 7.31 29.94
N MET B 41 10.12 7.91 29.94
CA MET B 41 9.25 7.93 28.78
C MET B 41 9.59 9.15 27.91
N TRP B 42 9.96 8.90 26.67
CA TRP B 42 10.05 9.91 25.62
C TRP B 42 8.78 9.91 24.77
N SER B 43 8.41 11.09 24.26
CA SER B 43 7.11 11.23 23.63
C SER B 43 6.99 10.42 22.33
N TRP B 44 7.89 10.60 21.36
CA TRP B 44 7.58 9.78 20.19
C TRP B 44 8.01 8.34 20.36
N ASP B 45 8.98 8.04 21.22
CA ASP B 45 9.22 6.64 21.57
C ASP B 45 7.96 5.98 22.10
N ALA B 46 7.22 6.69 22.97
CA ALA B 46 5.96 6.18 23.53
C ALA B 46 4.95 5.89 22.44
N ALA B 47 4.91 6.71 21.39
CA ALA B 47 4.03 6.40 20.27
C ALA B 47 4.45 5.08 19.62
N PHE B 48 5.75 4.89 19.41
CA PHE B 48 6.22 3.64 18.79
C PHE B 48 6.09 2.47 19.74
N VAL B 49 6.23 2.71 21.04
CA VAL B 49 6.02 1.63 21.99
C VAL B 49 4.58 1.16 21.93
N ALA B 50 3.64 2.11 21.90
CA ALA B 50 2.24 1.74 21.75
C ALA B 50 2.04 0.90 20.50
N ILE B 51 2.72 1.24 19.41
CA ILE B 51 2.58 0.44 18.20
C ILE B 51 3.10 -0.98 18.43
N GLY B 52 4.24 -1.11 19.12
CA GLY B 52 4.78 -2.42 19.45
C GLY B 52 3.91 -3.24 20.39
N LEU B 53 3.14 -2.57 21.25
CA LEU B 53 2.29 -3.29 22.20
C LEU B 53 0.99 -3.74 21.58
N ALA B 54 0.53 -3.07 20.51
CA ALA B 54 -0.79 -3.37 19.96
C ALA B 54 -0.96 -4.85 19.59
N PRO B 55 0.04 -5.54 19.03
CA PRO B 55 -0.14 -6.99 18.80
C PRO B 55 -0.04 -7.82 20.07
N LEU B 56 0.51 -7.27 21.16
CA LEU B 56 0.65 -8.05 22.39
C LEU B 56 -0.52 -7.84 23.32
N SER B 57 -0.99 -6.61 23.40
CA SER B 57 -2.03 -6.24 24.35
C SER B 57 -2.61 -4.89 23.98
N VAL B 58 -3.84 -4.84 23.48
CA VAL B 58 -4.44 -3.54 23.17
C VAL B 58 -4.63 -2.74 24.45
N GLU B 59 -5.07 -3.40 25.52
CA GLU B 59 -5.24 -2.70 26.79
C GLU B 59 -3.95 -2.01 27.20
N ARG B 60 -2.81 -2.70 27.05
CA ARG B 60 -1.58 -2.12 27.56
C ARG B 60 -1.03 -1.06 26.62
N ALA B 61 -1.21 -1.26 25.32
CA ALA B 61 -0.89 -0.20 24.37
C ALA B 61 -1.67 1.07 24.69
N VAL B 62 -2.94 0.92 25.05
CA VAL B 62 -3.79 2.08 25.38
C VAL B 62 -3.27 2.76 26.65
N VAL B 63 -2.80 1.98 27.62
CA VAL B 63 -2.26 2.55 28.85
C VAL B 63 -1.06 3.44 28.53
N GLU B 64 -0.24 3.02 27.56
CA GLU B 64 0.97 3.78 27.27
C GLU B 64 0.62 5.18 26.79
N LEU B 65 -0.37 5.29 25.90
CA LEU B 65 -0.76 6.62 25.46
C LEU B 65 -1.49 7.35 26.57
N ASP B 66 -2.24 6.63 27.41
CA ASP B 66 -2.92 7.32 28.50
C ASP B 66 -1.90 7.98 29.42
N THR B 67 -0.80 7.29 29.69
CA THR B 67 0.24 7.82 30.56
C THR B 67 0.89 9.06 29.95
N LEU B 68 1.20 9.01 28.66
CA LEU B 68 1.81 10.15 28.00
C LEU B 68 0.87 11.35 28.00
N LEU B 69 -0.41 11.15 27.70
CA LEU B 69 -1.34 12.27 27.65
C LEU B 69 -1.68 12.79 29.06
N SER B 70 -1.51 11.97 30.10
CA SER B 70 -1.71 12.49 31.44
C SER B 70 -0.64 13.52 31.79
N ALA B 71 0.44 13.57 31.02
CA ALA B 71 1.49 14.57 31.19
C ALA B 71 1.31 15.76 30.24
N GLN B 72 0.20 15.80 29.50
CA GLN B 72 0.00 16.88 28.55
C GLN B 72 -0.13 18.21 29.27
N TRP B 73 0.55 19.23 28.74
CA TRP B 73 0.50 20.57 29.31
C TRP B 73 -0.86 21.20 29.10
N ARG B 74 -1.21 22.12 30.03
CA ARG B 74 -2.54 22.73 30.03
C ARG B 74 -2.87 23.42 28.71
N ASN B 75 -1.87 23.91 27.98
CA ASN B 75 -2.08 24.53 26.67
C ASN B 75 -2.06 23.53 25.51
N GLY B 76 -1.86 22.23 25.78
CA GLY B 76 -1.97 21.18 24.78
C GLY B 76 -0.65 20.54 24.39
N MET B 77 0.48 21.14 24.74
CA MET B 77 1.77 20.60 24.32
C MET B 77 2.03 19.27 25.01
N ILE B 78 2.46 18.27 24.23
CA ILE B 78 2.96 17.02 24.78
C ILE B 78 4.47 17.17 24.96
N PRO B 79 4.98 17.20 26.18
CA PRO B 79 6.42 17.37 26.38
C PRO B 79 7.18 16.13 25.93
N HIS B 80 8.46 16.34 25.56
CA HIS B 80 9.17 15.22 24.94
C HIS B 80 9.68 14.20 25.95
N ILE B 81 9.77 14.54 27.26
CA ILE B 81 10.12 13.57 28.29
C ILE B 81 9.10 13.64 29.41
N VAL B 82 8.57 12.47 29.80
CA VAL B 82 7.83 12.30 31.06
C VAL B 82 8.73 11.49 31.99
N PHE B 83 9.15 12.10 33.07
CA PHE B 83 10.17 11.49 33.92
C PHE B 83 9.56 10.44 34.83
N ALA B 84 10.30 9.35 35.03
CA ALA B 84 9.88 8.31 35.95
C ALA B 84 10.21 8.75 37.37
N ASN B 85 9.26 8.58 38.28
CA ASN B 85 9.45 9.09 39.63
C ASN B 85 10.60 8.38 40.32
N GLY B 86 11.56 9.18 40.82
CA GLY B 86 12.69 8.69 41.59
C GLY B 86 13.85 8.17 40.78
N VAL B 87 13.79 8.20 39.45
CA VAL B 87 14.85 7.64 38.61
C VAL B 87 15.82 8.75 38.24
N ASP B 88 17.11 8.51 38.48
CA ASP B 88 18.21 9.35 38.03
C ASP B 88 18.91 8.68 36.85
N GLY B 89 20.02 9.28 36.39
CA GLY B 89 20.82 8.67 35.35
C GLY B 89 20.70 9.28 33.97
N TYR B 90 19.69 10.11 33.72
CA TYR B 90 19.61 10.90 32.50
C TYR B 90 19.79 12.37 32.84
N PHE B 91 20.62 13.05 32.07
CA PHE B 91 20.78 14.48 32.20
C PHE B 91 20.61 15.14 30.84
N PRO B 92 19.84 16.24 30.74
CA PRO B 92 19.25 17.02 31.84
C PRO B 92 18.01 16.38 32.43
N GLY B 93 18.01 16.23 33.76
CA GLY B 93 16.90 15.66 34.45
C GLY B 93 15.95 16.73 34.93
N PRO B 94 14.93 16.33 35.69
CA PRO B 94 13.89 17.29 36.10
C PRO B 94 14.41 18.48 36.89
N ALA B 95 15.46 18.33 37.70
CA ALA B 95 15.95 19.50 38.42
C ALA B 95 16.54 20.55 37.48
N ARG B 96 17.13 20.10 36.37
CA ARG B 96 17.72 21.04 35.41
C ARG B 96 16.64 21.77 34.62
N TRP B 97 15.58 21.05 34.21
CA TRP B 97 14.48 21.67 33.47
C TRP B 97 13.69 22.64 34.35
N ALA B 98 13.39 22.24 35.59
CA ALA B 98 12.65 23.03 36.56
C ALA B 98 11.25 23.43 36.07
N THR B 99 10.67 22.66 35.14
CA THR B 99 9.30 22.95 34.72
C THR B 99 8.34 22.83 35.89
N ALA B 100 8.64 21.98 36.87
CA ALA B 100 7.74 21.81 38.01
C ALA B 100 7.56 23.09 38.81
N THR B 101 8.46 24.06 38.69
CA THR B 101 8.28 25.33 39.39
C THR B 101 8.20 26.53 38.47
N LEU B 102 8.80 26.47 37.30
CA LEU B 102 8.78 27.62 36.42
C LEU B 102 7.59 27.61 35.47
N ALA B 103 7.16 26.43 35.03
CA ALA B 103 6.27 26.31 33.88
C ALA B 103 4.82 26.26 34.38
N ASP B 104 4.11 27.38 34.22
CA ASP B 104 2.73 27.41 34.70
C ASP B 104 1.81 26.44 33.94
N ASN B 105 2.17 25.99 32.73
CA ASN B 105 1.35 25.04 31.97
C ASN B 105 1.70 23.57 32.21
N ALA B 106 2.86 23.29 32.82
CA ALA B 106 3.26 21.92 33.05
C ALA B 106 2.30 21.23 34.01
N PRO B 107 2.11 19.92 33.87
CA PRO B 107 1.10 19.23 34.71
C PRO B 107 1.54 19.13 36.16
N ARG B 108 0.54 19.07 37.03
CA ARG B 108 0.83 19.01 38.47
C ARG B 108 1.29 17.62 38.91
N ASN B 109 0.80 16.57 38.25
CA ASN B 109 1.01 15.20 38.68
C ASN B 109 2.16 14.50 37.98
N ARG B 110 2.87 15.17 37.08
CA ARG B 110 3.97 14.53 36.36
C ARG B 110 5.14 15.50 36.30
N LEU B 111 6.34 14.96 36.39
CA LEU B 111 7.55 15.69 36.07
C LEU B 111 7.83 15.52 34.57
N THR B 112 7.90 16.64 33.84
CA THR B 112 8.11 16.59 32.40
C THR B 112 9.23 17.54 32.00
N SER B 113 9.66 17.40 30.75
CA SER B 113 10.54 18.37 30.11
C SER B 113 9.72 19.60 29.75
N GLY B 114 10.35 20.55 29.05
CA GLY B 114 9.72 21.81 28.70
C GLY B 114 9.74 22.09 27.21
N ILE B 115 9.88 21.05 26.39
CA ILE B 115 9.88 21.16 24.93
C ILE B 115 9.08 19.99 24.38
N THR B 116 8.84 20.00 23.07
CA THR B 116 7.93 19.00 22.53
C THR B 116 8.71 18.03 21.63
N GLN B 117 7.97 17.22 20.87
CA GLN B 117 8.56 16.27 19.94
C GLN B 117 7.52 15.94 18.86
N PRO B 118 7.91 15.20 17.81
CA PRO B 118 7.04 15.10 16.63
C PRO B 118 5.75 14.34 16.93
N PRO B 119 4.64 14.69 16.23
CA PRO B 119 3.31 14.16 16.55
C PRO B 119 2.97 12.86 15.81
N VAL B 120 3.73 11.80 16.08
CA VAL B 120 3.45 10.49 15.49
C VAL B 120 2.33 9.76 16.22
N HIS B 121 1.74 10.38 17.24
CA HIS B 121 0.76 9.72 18.10
C HIS B 121 -0.46 9.22 17.34
N ALA B 122 -0.95 9.99 16.37
CA ALA B 122 -2.13 9.55 15.62
C ALA B 122 -1.88 8.23 14.90
N ILE B 123 -0.67 8.00 14.41
CA ILE B 123 -0.32 6.74 13.75
C ILE B 123 -0.42 5.57 14.72
N ALA B 124 0.11 5.74 15.93
CA ALA B 124 -0.07 4.75 16.98
C ALA B 124 -1.55 4.44 17.19
N VAL B 125 -2.36 5.49 17.26
CA VAL B 125 -3.78 5.28 17.49
C VAL B 125 -4.39 4.44 16.38
N GLN B 126 -4.01 4.73 15.12
CA GLN B 126 -4.50 3.93 14.01
C GLN B 126 -4.07 2.47 14.09
N ARG B 127 -2.81 2.20 14.47
CA ARG B 127 -2.36 0.82 14.59
C ARG B 127 -3.12 0.11 15.72
N ILE B 128 -3.33 0.80 16.84
CA ILE B 128 -4.12 0.19 17.91
C ILE B 128 -5.50 -0.19 17.41
N LEU B 129 -6.15 0.74 16.69
CA LEU B 129 -7.50 0.48 16.20
C LEU B 129 -7.52 -0.67 15.23
N GLU B 130 -6.53 -0.75 14.33
CA GLU B 130 -6.52 -1.84 13.37
C GLU B 130 -6.37 -3.17 14.09
N HIS B 131 -5.45 -3.26 15.05
CA HIS B 131 -5.32 -4.49 15.82
C HIS B 131 -6.61 -4.81 16.54
N ALA B 132 -7.23 -3.79 17.15
CA ALA B 132 -8.42 -4.01 17.95
C ALA B 132 -9.55 -4.56 17.10
N ARG B 133 -9.71 -4.05 15.88
CA ARG B 133 -10.82 -4.51 15.06
C ARG B 133 -10.64 -5.95 14.60
N THR B 134 -9.44 -6.50 14.66
CA THR B 134 -9.26 -7.93 14.40
C THR B 134 -9.42 -8.79 15.64
N ARG B 135 -9.61 -8.21 16.81
CA ARG B 135 -9.65 -9.02 18.03
C ARG B 135 -11.05 -9.22 18.61
N GLY B 136 -12.10 -8.65 18.03
CA GLY B 136 -13.42 -8.91 18.55
C GLY B 136 -13.93 -7.82 19.49
N ARG B 137 -15.14 -8.07 20.01
CA ARG B 137 -15.97 -7.01 20.57
C ARG B 137 -15.36 -6.39 21.82
N SER B 138 -14.87 -7.22 22.74
CA SER B 138 -14.35 -6.71 24.00
C SER B 138 -13.13 -5.84 23.79
N THR B 139 -12.27 -6.19 22.83
CA THR B 139 -11.07 -5.40 22.59
C THR B 139 -11.38 -4.12 21.81
N ARG B 140 -12.35 -4.19 20.89
CA ARG B 140 -12.81 -2.97 20.23
C ARG B 140 -13.36 -1.97 21.25
N ALA B 141 -14.05 -2.46 22.29
CA ALA B 141 -14.57 -1.57 23.32
C ALA B 141 -13.44 -0.81 24.01
N VAL B 142 -12.33 -1.49 24.27
CA VAL B 142 -11.18 -0.86 24.95
C VAL B 142 -10.66 0.29 24.11
N ALA B 143 -10.45 0.03 22.82
CA ALA B 143 -9.89 1.03 21.93
C ALA B 143 -10.88 2.17 21.70
N GLU B 144 -12.17 1.86 21.57
CA GLU B 144 -13.18 2.90 21.45
C GLU B 144 -13.32 3.71 22.72
N ALA B 145 -13.23 3.06 23.90
CA ALA B 145 -13.30 3.85 25.13
C ALA B 145 -12.08 4.77 25.24
N PHE B 146 -10.91 4.34 24.76
CA PHE B 146 -9.77 5.25 24.72
C PHE B 146 -10.05 6.48 23.87
N LEU B 147 -10.70 6.29 22.71
CA LEU B 147 -11.02 7.43 21.85
C LEU B 147 -11.97 8.41 22.54
N ASP B 148 -12.92 7.90 23.33
CA ASP B 148 -13.80 8.78 24.08
C ASP B 148 -13.01 9.59 25.11
N ARG B 149 -12.18 8.91 25.91
CA ARG B 149 -11.37 9.55 26.95
C ARG B 149 -10.38 10.56 26.38
N ARG B 150 -9.84 10.32 25.18
CA ARG B 150 -8.66 11.05 24.77
C ARG B 150 -8.78 11.80 23.43
N TRP B 151 -9.93 11.74 22.75
CA TRP B 151 -10.04 12.48 21.49
C TRP B 151 -9.76 13.97 21.69
N GLY B 152 -10.37 14.57 22.73
CA GLY B 152 -10.15 15.98 23.00
C GLY B 152 -8.70 16.33 23.27
N ASP B 153 -8.00 15.46 24.01
CA ASP B 153 -6.58 15.74 24.30
C ASP B 153 -5.73 15.66 23.04
N LEU B 154 -6.04 14.71 22.14
CA LEU B 154 -5.36 14.64 20.85
C LEU B 154 -5.66 15.85 19.98
N MET B 155 -6.94 16.31 19.94
CA MET B 155 -7.25 17.57 19.27
C MET B 155 -6.44 18.73 19.84
N ARG B 156 -6.44 18.88 21.18
N ARG B 156 -6.44 18.88 21.18
CA ARG B 156 -5.70 19.96 21.81
CA ARG B 156 -5.69 19.96 21.81
C ARG B 156 -4.20 19.88 21.50
C ARG B 156 -4.21 19.88 21.49
N TRP B 157 -3.68 18.66 21.34
CA TRP B 157 -2.29 18.48 20.92
C TRP B 157 -2.08 19.02 19.51
N HIS B 158 -2.88 18.54 18.55
CA HIS B 158 -2.70 19.03 17.18
C HIS B 158 -2.97 20.52 17.10
N ARG B 159 -3.94 21.03 17.87
CA ARG B 159 -4.25 22.46 17.77
C ARG B 159 -3.12 23.35 18.30
N TRP B 160 -2.46 22.92 19.38
CA TRP B 160 -1.35 23.73 19.90
C TRP B 160 -0.21 23.79 18.88
N LEU B 161 0.12 22.65 18.26
CA LEU B 161 1.09 22.65 17.18
C LEU B 161 0.70 23.66 16.10
N ALA B 162 -0.52 23.51 15.56
CA ALA B 162 -0.97 24.38 14.46
C ALA B 162 -1.07 25.84 14.91
N GLU B 163 -1.52 26.09 16.13
CA GLU B 163 -1.75 27.49 16.48
C GLU B 163 -0.51 28.16 17.06
N CYS B 164 0.30 27.45 17.85
CA CYS B 164 1.39 28.08 18.57
C CYS B 164 2.78 27.79 17.99
N ARG B 165 2.97 26.68 17.29
CA ARG B 165 4.25 26.50 16.61
C ARG B 165 4.16 26.85 15.12
N ASP B 166 3.00 27.33 14.66
CA ASP B 166 2.86 27.86 13.30
C ASP B 166 2.09 29.17 13.38
N ARG B 167 2.65 30.14 14.10
CA ARG B 167 1.94 31.38 14.41
C ARG B 167 1.57 32.16 13.15
N ASN B 168 2.38 32.08 12.12
CA ASN B 168 2.16 32.86 10.90
C ASN B 168 1.33 32.11 9.87
N GLU B 169 0.83 30.91 10.20
CA GLU B 169 0.11 30.05 9.28
C GLU B 169 0.91 29.83 8.01
N ARG B 170 2.15 29.39 8.18
CA ARG B 170 3.03 29.05 7.07
C ARG B 170 2.96 27.58 6.72
N GLY B 171 2.30 26.76 7.53
CA GLY B 171 2.25 25.33 7.27
C GLY B 171 3.54 24.62 7.57
N ARG B 172 4.34 25.16 8.50
CA ARG B 172 5.54 24.48 8.98
C ARG B 172 5.67 24.73 10.47
N ILE B 173 6.12 23.71 11.19
CA ILE B 173 6.23 23.78 12.64
C ILE B 173 7.56 24.42 13.00
N THR B 174 7.51 25.45 13.86
CA THR B 174 8.72 26.03 14.43
C THR B 174 9.18 25.25 15.67
N LEU B 175 10.49 25.03 15.76
CA LEU B 175 11.14 24.44 16.92
C LEU B 175 12.00 25.49 17.61
N TYR B 176 12.12 25.39 18.93
CA TYR B 176 13.08 26.20 19.67
C TYR B 176 14.23 25.37 20.22
N HIS B 177 14.32 24.12 19.82
CA HIS B 177 15.42 23.29 20.29
C HIS B 177 15.58 22.13 19.33
N GLY B 178 16.84 21.80 19.00
CA GLY B 178 17.08 20.66 18.13
C GLY B 178 16.54 19.37 18.69
N TRP B 179 16.47 19.27 20.03
CA TRP B 179 15.88 18.08 20.65
C TRP B 179 14.44 17.86 20.22
N GLU B 180 13.70 18.92 19.88
CA GLU B 180 12.31 18.78 19.45
C GLU B 180 12.18 18.09 18.10
N SER B 181 13.25 18.00 17.31
CA SER B 181 13.16 17.32 16.01
C SER B 181 13.33 15.81 16.13
N GLY B 182 13.76 15.31 17.29
CA GLY B 182 14.16 13.92 17.41
C GLY B 182 15.50 13.58 16.83
N MET B 183 16.11 14.50 16.09
CA MET B 183 17.40 14.32 15.44
C MET B 183 18.40 15.30 16.06
N ASP B 184 18.84 15.00 17.29
CA ASP B 184 19.52 16.00 18.12
C ASP B 184 20.67 16.65 17.40
N ASN B 185 21.58 15.85 16.85
CA ASN B 185 22.81 16.40 16.28
C ASN B 185 22.80 16.31 14.76
N SER B 186 21.62 16.34 14.17
CA SER B 186 21.55 16.27 12.72
C SER B 186 22.33 17.43 12.10
N PRO B 187 23.14 17.17 11.05
CA PRO B 187 23.70 18.27 10.25
C PRO B 187 22.68 19.35 9.88
N ARG B 188 21.38 19.00 9.86
N ARG B 188 21.38 18.99 9.80
CA ARG B 188 20.35 19.98 9.59
CA ARG B 188 20.32 19.96 9.58
C ARG B 188 20.51 21.24 10.44
C ARG B 188 20.47 21.22 10.44
N TRP B 189 20.86 21.07 11.71
CA TRP B 189 20.84 22.17 12.67
C TRP B 189 22.20 22.83 12.90
N ASP B 190 23.23 22.45 12.15
CA ASP B 190 24.58 22.93 12.44
C ASP B 190 24.71 24.45 12.28
N SER B 191 24.15 25.03 11.20
CA SER B 191 24.38 26.45 10.99
C SER B 191 23.51 27.31 11.88
N ALA B 192 22.35 26.80 12.32
CA ALA B 192 21.59 27.54 13.32
C ALA B 192 22.27 27.46 14.69
N TYR B 193 22.87 26.31 15.01
CA TYR B 193 23.53 26.14 16.30
C TYR B 193 24.80 26.96 16.40
N ALA B 194 25.48 27.17 15.27
CA ALA B 194 26.68 28.01 15.27
C ALA B 194 26.40 29.45 15.69
N ASN B 195 25.16 29.93 15.57
CA ASN B 195 24.77 31.26 16.04
C ASN B 195 24.17 31.23 17.45
N VAL B 196 24.23 30.08 18.14
CA VAL B 196 23.81 29.98 19.54
C VAL B 196 25.06 30.21 20.38
N VAL B 197 25.16 31.39 20.99
CA VAL B 197 26.35 31.71 21.79
C VAL B 197 25.99 31.62 23.27
N PRO B 198 26.36 30.55 23.94
CA PRO B 198 26.03 30.42 25.37
C PRO B 198 26.74 31.49 26.19
N GLY B 199 25.99 32.12 27.09
CA GLY B 199 26.55 32.99 28.09
C GLY B 199 26.99 32.20 29.31
N LYS B 200 26.64 32.68 30.51
CA LYS B 200 27.04 32.01 31.74
C LYS B 200 26.14 30.79 31.95
N LEU B 201 26.69 29.61 31.64
CA LEU B 201 25.93 28.38 31.69
C LEU B 201 26.26 27.64 32.97
N PRO B 202 25.28 27.33 33.81
CA PRO B 202 25.56 26.63 35.07
C PRO B 202 26.25 25.29 34.86
N GLU B 203 27.17 24.96 35.76
CA GLU B 203 27.95 23.74 35.67
C GLU B 203 27.06 22.51 35.49
N TYR B 204 27.56 21.55 34.72
CA TYR B 204 26.79 20.33 34.50
C TYR B 204 27.74 19.20 34.14
N GLN B 205 27.26 17.97 34.37
CA GLN B 205 28.01 16.76 34.07
C GLN B 205 27.13 15.88 33.21
N ARG B 206 27.62 15.52 32.02
CA ARG B 206 26.87 14.64 31.15
C ARG B 206 26.73 13.25 31.78
N ALA B 207 25.58 12.63 31.56
CA ALA B 207 25.34 11.22 31.86
C ALA B 207 25.29 10.34 30.62
N ASP B 208 24.85 10.87 29.48
CA ASP B 208 24.69 10.05 28.29
C ASP B 208 26.00 9.35 27.91
N ASN B 209 27.14 10.03 28.06
CA ASN B 209 28.40 9.44 27.62
C ASN B 209 29.11 8.68 28.73
N VAL B 210 28.49 8.55 29.91
CA VAL B 210 28.92 7.53 30.85
C VAL B 210 28.36 6.18 30.43
N ILE B 211 27.16 6.17 29.87
CA ILE B 211 26.55 4.91 29.44
C ILE B 211 27.02 4.54 28.04
N ILE B 212 26.98 5.48 27.10
CA ILE B 212 27.63 5.30 25.79
C ILE B 212 29.02 5.94 25.88
N THR B 213 30.05 5.13 26.12
CA THR B 213 31.36 5.67 26.43
C THR B 213 32.15 6.05 25.18
N ASP B 214 31.97 5.32 24.09
CA ASP B 214 32.62 5.61 22.83
C ASP B 214 32.23 6.99 22.33
N PRO B 215 33.17 7.95 22.33
CA PRO B 215 32.81 9.33 21.93
C PRO B 215 32.28 9.46 20.52
N SER B 216 32.72 8.58 19.61
CA SER B 216 32.30 8.69 18.21
C SER B 216 30.80 8.45 18.01
N GLN B 217 30.05 8.05 19.05
CA GLN B 217 28.65 7.68 18.87
C GLN B 217 27.67 8.69 19.42
N ARG B 218 28.13 9.73 20.10
CA ARG B 218 27.29 10.70 20.78
C ARG B 218 27.67 12.11 20.36
N PRO B 219 26.83 13.10 20.66
CA PRO B 219 27.25 14.49 20.44
C PRO B 219 28.44 14.88 21.31
N SER B 220 29.09 15.97 20.90
CA SER B 220 30.29 16.45 21.55
C SER B 220 29.93 17.33 22.75
N ASP B 221 30.95 17.66 23.56
CA ASP B 221 30.73 18.58 24.68
C ASP B 221 30.27 19.94 24.18
N GLY B 222 30.95 20.48 23.17
CA GLY B 222 30.54 21.76 22.61
C GLY B 222 29.08 21.77 22.16
N GLU B 223 28.58 20.63 21.65
CA GLU B 223 27.18 20.59 21.23
C GLU B 223 26.25 20.60 22.45
N TYR B 224 26.60 19.84 23.50
CA TYR B 224 25.80 19.84 24.71
C TYR B 224 25.79 21.21 25.39
N ASP B 225 26.88 21.96 25.31
CA ASP B 225 26.89 23.31 25.86
C ASP B 225 25.80 24.17 25.21
N ARG B 226 25.62 24.02 23.90
CA ARG B 226 24.56 24.75 23.22
C ARG B 226 23.18 24.19 23.56
N TYR B 227 23.05 22.87 23.64
CA TYR B 227 21.76 22.27 24.03
C TYR B 227 21.32 22.74 25.41
N LEU B 228 22.26 22.82 26.35
CA LEU B 228 21.93 23.25 27.70
C LEU B 228 21.70 24.75 27.76
N TRP B 229 22.35 25.52 26.88
CA TRP B 229 22.12 26.96 26.90
C TRP B 229 20.69 27.31 26.51
N LEU B 230 20.17 26.68 25.44
CA LEU B 230 18.78 26.96 25.06
C LEU B 230 17.82 26.67 26.21
N LEU B 231 18.14 25.68 27.04
CA LEU B 231 17.39 25.46 28.28
C LEU B 231 17.35 26.70 29.15
N GLU B 232 18.50 27.35 29.34
CA GLU B 232 18.52 28.54 30.18
C GLU B 232 17.65 29.65 29.59
N GLU B 233 17.68 29.81 28.27
CA GLU B 233 16.85 30.84 27.64
C GLU B 233 15.37 30.56 27.85
N MET B 234 14.96 29.29 27.78
CA MET B 234 13.58 28.94 28.05
C MET B 234 13.21 29.18 29.50
N LYS B 235 14.05 28.72 30.42
CA LYS B 235 13.71 28.85 31.83
C LYS B 235 13.52 30.32 32.20
N ALA B 236 14.31 31.20 31.58
CA ALA B 236 14.27 32.62 31.91
C ALA B 236 12.90 33.23 31.67
N VAL B 237 12.15 32.69 30.73
CA VAL B 237 10.81 33.19 30.43
C VAL B 237 9.74 32.20 30.91
N ARG B 238 10.08 31.33 31.85
CA ARG B 238 9.13 30.39 32.45
C ARG B 238 8.38 29.59 31.39
N TYR B 239 9.07 29.27 30.29
CA TYR B 239 8.54 28.42 29.22
C TYR B 239 7.25 28.97 28.62
N ASP B 240 7.11 30.31 28.68
CA ASP B 240 5.93 31.00 28.17
C ASP B 240 5.93 30.97 26.65
N ASP B 241 4.89 30.37 26.05
CA ASP B 241 4.76 30.33 24.60
C ASP B 241 4.89 31.72 23.99
N GLU B 242 4.27 32.72 24.62
CA GLU B 242 4.22 34.06 24.07
C GLU B 242 5.58 34.75 24.07
N ARG B 243 6.50 34.33 24.94
CA ARG B 243 7.79 34.98 25.04
C ARG B 243 8.89 34.32 24.21
N LEU B 244 8.77 33.02 23.92
CA LEU B 244 9.85 32.28 23.27
C LEU B 244 10.36 32.94 21.99
N PRO B 245 9.53 33.37 21.04
CA PRO B 245 10.09 33.93 19.79
C PRO B 245 10.87 35.22 19.98
N SER B 246 10.90 35.81 21.17
CA SER B 246 11.69 37.02 21.36
C SER B 246 13.02 36.77 22.08
N VAL B 247 13.24 35.59 22.66
N VAL B 247 13.25 35.57 22.62
CA VAL B 247 14.46 35.35 23.42
CA VAL B 247 14.45 35.31 23.42
C VAL B 247 15.22 34.12 22.95
C VAL B 247 15.26 34.15 22.87
N MET B 248 14.60 33.19 22.24
CA MET B 248 15.31 31.98 21.82
C MET B 248 16.36 32.31 20.76
N SER B 249 17.61 31.90 21.03
CA SER B 249 18.70 31.93 20.06
C SER B 249 18.58 30.86 18.98
N PHE B 250 17.56 30.01 19.02
CA PHE B 250 17.43 28.90 18.08
C PHE B 250 15.96 28.85 17.68
N GLN B 251 15.68 29.14 16.41
CA GLN B 251 14.31 29.10 15.90
C GLN B 251 14.36 28.59 14.46
N VAL B 252 13.83 27.39 14.24
CA VAL B 252 13.94 26.74 12.93
C VAL B 252 12.60 26.09 12.57
N GLU B 253 12.21 26.22 11.31
CA GLU B 253 11.08 25.46 10.80
C GLU B 253 11.58 24.09 10.35
N ASP B 254 10.97 23.03 10.89
CA ASP B 254 11.40 21.65 10.74
C ASP B 254 10.46 20.97 9.74
N VAL B 255 10.96 20.75 8.52
CA VAL B 255 10.09 20.25 7.43
C VAL B 255 9.71 18.78 7.64
N PHE B 256 10.55 17.99 8.31
CA PHE B 256 10.24 16.58 8.56
C PHE B 256 9.16 16.44 9.64
N PHE B 257 9.34 17.13 10.78
CA PHE B 257 8.29 17.29 11.79
C PHE B 257 6.99 17.77 11.13
N SER B 258 7.10 18.77 10.23
CA SER B 258 5.92 19.29 9.54
C SER B 258 5.24 18.23 8.69
N ALA B 259 6.02 17.41 7.97
CA ALA B 259 5.42 16.35 7.16
C ALA B 259 4.72 15.33 8.03
N ILE B 260 5.39 14.91 9.10
CA ILE B 260 4.77 14.01 10.06
C ILE B 260 3.46 14.60 10.56
N PHE B 261 3.44 15.92 10.79
CA PHE B 261 2.22 16.53 11.32
C PHE B 261 1.08 16.47 10.31
N SER B 262 1.39 16.71 9.02
CA SER B 262 0.36 16.63 7.98
C SER B 262 -0.22 15.22 7.91
N VAL B 263 0.63 14.20 7.94
CA VAL B 263 0.17 12.81 7.94
C VAL B 263 -0.70 12.54 9.17
N ALA B 264 -0.21 12.92 10.35
CA ALA B 264 -0.96 12.70 11.58
C ALA B 264 -2.34 13.34 11.52
N CYS B 265 -2.44 14.55 10.97
CA CYS B 265 -3.76 15.18 10.93
C CYS B 265 -4.70 14.40 10.02
N GLN B 266 -4.19 13.98 8.86
CA GLN B 266 -5.00 13.22 7.93
C GLN B 266 -5.44 11.88 8.55
N VAL B 267 -4.52 11.23 9.25
CA VAL B 267 -4.82 9.96 9.91
C VAL B 267 -5.86 10.18 11.02
N LEU B 268 -5.66 11.21 11.85
CA LEU B 268 -6.63 11.48 12.92
C LEU B 268 -7.98 11.95 12.34
N ALA B 269 -7.97 12.69 11.23
CA ALA B 269 -9.24 13.06 10.59
C ALA B 269 -10.02 11.82 10.17
N GLU B 270 -9.35 10.86 9.53
CA GLU B 270 -10.04 9.64 9.12
C GLU B 270 -10.59 8.87 10.31
N ILE B 271 -9.79 8.75 11.37
CA ILE B 271 -10.30 8.13 12.62
C ILE B 271 -11.55 8.86 13.09
N GLY B 272 -11.55 10.18 13.01
CA GLY B 272 -12.71 10.93 13.48
C GLY B 272 -13.95 10.64 12.65
N GLU B 273 -13.77 10.47 11.33
CA GLU B 273 -14.92 10.12 10.49
C GLU B 273 -15.42 8.72 10.79
N ASP B 274 -14.51 7.78 11.02
CA ASP B 274 -14.90 6.40 11.32
C ASP B 274 -15.65 6.30 12.64
N TYR B 275 -15.27 7.09 13.65
CA TYR B 275 -15.88 6.97 14.97
C TYR B 275 -16.73 8.19 15.34
N LYS B 276 -17.24 8.90 14.32
CA LYS B 276 -18.29 9.91 14.49
C LYS B 276 -17.90 10.99 15.50
N ARG B 277 -16.67 11.47 15.37
CA ARG B 277 -16.20 12.57 16.19
C ARG B 277 -16.82 13.88 15.71
N PRO B 278 -16.74 14.95 16.50
CA PRO B 278 -17.33 16.23 16.08
C PRO B 278 -16.88 16.65 14.69
N HIS B 279 -17.84 17.09 13.87
CA HIS B 279 -17.54 17.48 12.49
C HIS B 279 -16.50 18.59 12.43
N ALA B 280 -16.62 19.58 13.32
CA ALA B 280 -15.69 20.70 13.34
C ALA B 280 -14.27 20.26 13.60
N ASP B 281 -14.07 19.19 14.38
CA ASP B 281 -12.72 18.70 14.62
C ASP B 281 -12.15 18.06 13.36
N VAL B 282 -12.92 17.16 12.75
CA VAL B 282 -12.52 16.53 11.50
C VAL B 282 -12.20 17.58 10.45
N LYS B 283 -13.00 18.64 10.38
CA LYS B 283 -12.78 19.70 9.42
C LYS B 283 -11.48 20.45 9.69
N ASP B 284 -11.25 20.86 10.95
CA ASP B 284 -9.94 21.42 11.32
C ASP B 284 -8.80 20.48 10.93
N LEU B 285 -8.94 19.19 11.27
CA LEU B 285 -7.87 18.24 11.01
C LEU B 285 -7.56 18.15 9.52
N TYR B 286 -8.58 18.07 8.67
CA TYR B 286 -8.32 18.06 7.23
C TYR B 286 -7.68 19.37 6.79
N LEU B 287 -8.11 20.49 7.36
CA LEU B 287 -7.53 21.78 7.00
C LEU B 287 -6.05 21.82 7.35
N TRP B 288 -5.68 21.28 8.52
CA TRP B 288 -4.28 21.27 8.92
C TRP B 288 -3.46 20.32 8.07
N ALA B 289 -4.01 19.13 7.78
CA ALA B 289 -3.31 18.19 6.91
C ALA B 289 -2.92 18.86 5.60
N GLU B 290 -3.86 19.57 4.99
CA GLU B 290 -3.59 20.25 3.74
C GLU B 290 -2.59 21.39 3.92
N ARG B 291 -2.76 22.19 4.98
CA ARG B 291 -1.91 23.36 5.14
C ARG B 291 -0.46 22.96 5.34
N PHE B 292 -0.21 21.87 6.11
CA PHE B 292 1.16 21.45 6.34
C PHE B 292 1.71 20.63 5.18
N ARG B 293 0.86 19.90 4.45
CA ARG B 293 1.25 19.34 3.16
C ARG B 293 1.82 20.42 2.24
N ALA B 294 1.11 21.54 2.08
CA ALA B 294 1.58 22.61 1.23
C ALA B 294 2.83 23.29 1.80
N GLY B 295 2.85 23.55 3.11
CA GLY B 295 4.04 24.12 3.72
C GLY B 295 5.29 23.28 3.47
N VAL B 296 5.14 21.96 3.51
CA VAL B 296 6.27 21.10 3.19
C VAL B 296 6.66 21.24 1.73
N VAL B 297 5.67 21.22 0.83
CA VAL B 297 5.98 21.30 -0.59
C VAL B 297 6.66 22.63 -0.92
N GLU B 298 6.23 23.71 -0.24
CA GLU B 298 6.82 25.02 -0.51
C GLU B 298 8.33 25.04 -0.33
N THR B 299 8.87 24.15 0.52
CA THR B 299 10.32 24.13 0.79
C THR B 299 11.14 23.38 -0.26
N THR B 300 10.54 22.72 -1.24
CA THR B 300 11.34 21.75 -1.98
C THR B 300 12.10 22.38 -3.15
N ASP B 301 13.24 21.77 -3.45
CA ASP B 301 13.95 22.14 -4.66
C ASP B 301 13.06 21.82 -5.86
N GLN B 302 12.88 22.79 -6.75
CA GLN B 302 11.92 22.59 -7.84
C GLN B 302 12.38 21.55 -8.86
N ARG B 303 13.63 21.12 -8.80
CA ARG B 303 14.16 20.11 -9.70
C ARG B 303 14.13 18.72 -9.07
N THR B 304 14.76 18.57 -7.89
CA THR B 304 14.89 17.30 -7.20
C THR B 304 13.79 17.01 -6.19
N GLY B 305 12.98 17.99 -5.79
CA GLY B 305 11.97 17.70 -4.79
C GLY B 305 12.46 17.67 -3.35
N ALA B 306 13.76 17.79 -3.08
CA ALA B 306 14.26 17.66 -1.73
C ALA B 306 13.76 18.81 -0.83
N ALA B 307 13.28 18.46 0.36
CA ALA B 307 12.73 19.42 1.29
C ALA B 307 13.85 20.08 2.11
N ARG B 308 13.74 21.39 2.32
CA ARG B 308 14.71 22.12 3.12
C ARG B 308 14.07 22.55 4.44
N ASP B 309 14.86 22.58 5.51
CA ASP B 309 14.43 23.31 6.70
C ASP B 309 14.68 24.79 6.50
N PHE B 310 14.24 25.58 7.47
CA PHE B 310 14.33 27.03 7.36
C PHE B 310 14.78 27.58 8.71
N ASP B 311 15.80 28.42 8.71
CA ASP B 311 16.27 29.08 9.92
C ASP B 311 15.53 30.40 10.03
N VAL B 312 14.63 30.51 11.02
CA VAL B 312 13.78 31.70 11.07
C VAL B 312 14.61 32.93 11.44
N LEU B 313 15.64 32.76 12.27
CA LEU B 313 16.43 33.93 12.69
C LEU B 313 17.32 34.43 11.56
N ALA B 314 18.01 33.52 10.87
CA ALA B 314 18.81 33.95 9.73
C ALA B 314 17.94 34.28 8.52
N GLU B 315 16.67 33.89 8.52
CA GLU B 315 15.78 33.97 7.36
C GLU B 315 16.41 33.31 6.14
N LYS B 316 16.75 32.03 6.30
CA LYS B 316 17.65 31.37 5.36
C LYS B 316 17.24 29.90 5.24
N TRP B 317 17.07 29.42 4.02
CA TRP B 317 16.80 28.00 3.82
C TRP B 317 18.02 27.19 4.19
N LEU B 318 17.80 26.08 4.89
CA LEU B 318 18.87 25.21 5.36
C LEU B 318 19.01 24.03 4.39
N VAL B 319 20.09 24.03 3.60
CA VAL B 319 20.34 23.01 2.60
C VAL B 319 21.36 22.02 3.15
N THR B 320 20.90 20.81 3.46
CA THR B 320 21.74 19.71 3.94
C THR B 320 21.26 18.41 3.29
N GLU B 321 22.07 17.36 3.42
CA GLU B 321 21.82 16.08 2.76
C GLU B 321 21.48 15.01 3.80
N THR B 322 20.33 15.13 4.43
CA THR B 322 19.94 14.14 5.40
C THR B 322 18.67 13.45 4.95
N ALA B 323 18.26 12.45 5.73
CA ALA B 323 17.02 11.76 5.44
C ALA B 323 15.83 12.70 5.47
N ALA B 324 15.98 13.89 6.09
CA ALA B 324 14.85 14.82 6.19
C ALA B 324 14.42 15.41 4.85
N GLN B 325 15.34 15.45 3.87
CA GLN B 325 14.99 15.88 2.52
C GLN B 325 13.81 15.11 1.94
N PHE B 326 13.50 13.92 2.45
CA PHE B 326 12.48 13.06 1.89
C PHE B 326 11.12 13.21 2.57
N ALA B 327 11.00 14.21 3.48
CA ALA B 327 9.74 14.61 4.11
C ALA B 327 8.54 14.62 3.15
N PRO B 328 8.66 15.17 1.94
CA PRO B 328 7.47 15.22 1.06
C PRO B 328 6.98 13.83 0.62
N LEU B 329 7.85 12.83 0.63
CA LEU B 329 7.36 11.49 0.31
C LEU B 329 6.41 10.98 1.37
N LEU B 330 6.54 11.47 2.61
CA LEU B 330 5.67 11.02 3.68
C LEU B 330 4.25 11.55 3.50
N CYS B 331 4.12 12.87 3.30
CA CYS B 331 2.82 13.54 3.32
C CYS B 331 2.19 13.70 1.94
N GLY B 332 2.95 13.59 0.86
CA GLY B 332 2.35 13.80 -0.44
C GLY B 332 2.35 15.27 -0.82
N GLY B 333 1.83 15.55 -2.00
CA GLY B 333 1.60 16.91 -2.42
C GLY B 333 2.54 17.42 -3.51
N LEU B 334 3.66 16.75 -3.77
CA LEU B 334 4.58 17.20 -4.81
C LEU B 334 3.98 17.03 -6.22
N PRO B 335 4.34 17.90 -7.16
CA PRO B 335 4.06 17.59 -8.56
C PRO B 335 4.72 16.29 -8.96
N HIS B 336 4.07 15.62 -9.91
CA HIS B 336 4.47 14.30 -10.38
C HIS B 336 5.96 14.23 -10.71
N ASP B 337 6.43 15.12 -11.59
CA ASP B 337 7.85 15.10 -11.99
C ASP B 337 8.77 15.29 -10.80
N ARG B 338 8.40 16.18 -9.87
CA ARG B 338 9.26 16.47 -8.73
C ARG B 338 9.35 15.28 -7.80
N GLU B 339 8.25 14.54 -7.66
CA GLU B 339 8.29 13.39 -6.76
C GLU B 339 9.08 12.24 -7.37
N ARG B 340 8.99 12.07 -8.69
CA ARG B 340 9.82 11.05 -9.34
C ARG B 340 11.30 11.37 -9.14
N ALA B 341 11.68 12.65 -9.23
CA ALA B 341 13.07 13.03 -9.00
C ALA B 341 13.49 12.77 -7.57
N LEU B 342 12.60 13.01 -6.61
CA LEU B 342 12.97 12.80 -5.21
C LEU B 342 13.13 11.31 -4.93
N LEU B 343 12.23 10.49 -5.48
CA LEU B 343 12.39 9.04 -5.35
C LEU B 343 13.71 8.58 -5.96
N LYS B 344 14.11 9.19 -7.08
CA LYS B 344 15.38 8.82 -7.68
C LYS B 344 16.55 9.20 -6.77
N LEU B 345 16.43 10.33 -6.05
CA LEU B 345 17.44 10.68 -5.07
C LEU B 345 17.48 9.67 -3.93
N LEU B 346 16.32 9.26 -3.41
CA LEU B 346 16.27 8.28 -2.31
C LEU B 346 16.95 6.99 -2.71
N GLU B 347 16.59 6.47 -3.89
CA GLU B 347 17.03 5.14 -4.29
C GLU B 347 18.43 5.13 -4.88
N GLY B 348 19.01 6.31 -5.13
CA GLY B 348 20.25 6.38 -5.86
C GLY B 348 21.47 6.31 -4.97
N PRO B 349 22.64 6.60 -5.54
CA PRO B 349 23.90 6.34 -4.84
C PRO B 349 24.22 7.33 -3.72
N ARG B 350 23.41 8.37 -3.53
CA ARG B 350 23.62 9.25 -2.40
C ARG B 350 22.90 8.78 -1.15
N PHE B 351 21.98 7.81 -1.28
CA PHE B 351 21.27 7.26 -0.15
C PHE B 351 21.16 5.74 -0.27
N CYS B 352 19.96 5.18 -0.48
CA CYS B 352 19.77 3.74 -0.35
C CYS B 352 20.59 2.95 -1.35
N GLY B 353 20.96 3.56 -2.47
CA GLY B 353 21.76 2.92 -3.48
C GLY B 353 23.25 3.07 -3.32
N HIS B 354 23.73 3.62 -2.20
CA HIS B 354 25.16 3.78 -2.04
C HIS B 354 25.84 2.42 -2.06
N PRO B 355 26.89 2.23 -2.84
CA PRO B 355 27.44 0.87 -3.07
C PRO B 355 28.03 0.20 -1.84
N ASP B 356 28.39 0.93 -0.79
CA ASP B 356 29.02 0.33 0.38
C ASP B 356 28.05 0.03 1.51
N LEU B 357 26.77 0.35 1.34
CA LEU B 357 25.82 0.10 2.41
C LEU B 357 25.67 -1.40 2.59
N LYS B 358 25.62 -1.85 3.84
CA LYS B 358 25.36 -3.26 4.04
C LYS B 358 23.91 -3.62 3.73
N TYR B 359 22.97 -2.71 3.99
CA TYR B 359 21.55 -2.95 3.75
C TYR B 359 20.98 -1.87 2.84
N GLY B 360 19.90 -2.22 2.15
CA GLY B 360 19.21 -1.25 1.33
C GLY B 360 18.30 -0.43 2.21
N LEU B 361 18.90 0.46 3.02
CA LEU B 361 18.18 1.27 4.01
C LEU B 361 18.61 2.73 3.88
N ILE B 362 17.84 3.64 4.49
CA ILE B 362 18.08 5.08 4.38
C ILE B 362 19.05 5.47 5.50
N PRO B 363 20.28 5.91 5.18
CA PRO B 363 21.14 6.48 6.22
C PRO B 363 20.65 7.85 6.66
N SER B 364 20.89 8.16 7.94
CA SER B 364 20.37 9.44 8.46
C SER B 364 21.03 10.63 7.77
N THR B 365 22.28 10.47 7.33
CA THR B 365 22.96 11.49 6.53
C THR B 365 23.58 10.83 5.31
N SER B 366 23.56 11.52 4.18
CA SER B 366 24.08 10.92 2.96
C SER B 366 25.55 10.57 3.13
N PRO B 367 25.96 9.35 2.77
CA PRO B 367 27.39 8.97 2.90
C PRO B 367 28.33 9.81 2.06
N VAL B 368 27.84 10.45 0.99
CA VAL B 368 28.66 11.33 0.18
C VAL B 368 28.67 12.75 0.69
N SER B 369 27.95 13.06 1.77
CA SER B 369 27.96 14.40 2.33
C SER B 369 29.26 14.66 3.09
N ARG B 370 29.76 15.90 2.97
CA ARG B 370 30.88 16.34 3.80
C ARG B 370 30.61 16.15 5.29
N ASP B 371 29.34 16.18 5.68
CA ASP B 371 28.93 16.07 7.07
C ASP B 371 28.85 14.63 7.56
N PHE B 372 29.01 13.65 6.68
CA PHE B 372 28.73 12.27 7.04
C PHE B 372 29.71 11.76 8.08
N ARG B 373 29.19 11.16 9.15
CA ARG B 373 29.99 10.43 10.13
C ARG B 373 29.30 9.10 10.37
N PRO B 374 29.95 7.97 10.05
CA PRO B 374 29.22 6.69 10.03
C PRO B 374 28.79 6.19 11.41
N ARG B 375 29.27 6.77 12.50
CA ARG B 375 28.93 6.31 13.84
C ARG B 375 28.17 7.32 14.66
N GLU B 376 28.12 8.58 14.25
CA GLU B 376 27.85 9.71 15.15
C GLU B 376 26.37 10.09 15.17
N TYR B 377 25.56 9.19 15.74
CA TYR B 377 24.18 9.49 16.11
C TYR B 377 23.31 9.77 14.87
N TRP B 378 22.97 11.02 14.59
CA TRP B 378 22.16 11.36 13.42
C TRP B 378 22.98 11.84 12.22
N ARG B 379 24.31 11.75 12.29
CA ARG B 379 25.18 12.26 11.25
C ARG B 379 25.56 11.19 10.22
N GLY B 380 24.83 10.07 10.17
CA GLY B 380 25.19 9.00 9.26
C GLY B 380 24.52 7.66 9.48
N PRO B 381 24.45 7.18 10.76
CA PRO B 381 23.89 5.83 11.00
C PRO B 381 22.51 5.58 10.44
N VAL B 382 22.18 4.30 10.26
CA VAL B 382 20.85 3.83 9.87
C VAL B 382 20.01 3.59 11.12
N TRP B 383 18.84 4.21 11.18
CA TRP B 383 17.96 4.16 12.33
C TRP B 383 16.74 3.30 12.05
N PRO B 384 16.55 2.19 12.76
CA PRO B 384 15.35 1.38 12.54
C PRO B 384 14.03 2.16 12.71
N VAL B 385 13.96 3.16 13.61
CA VAL B 385 12.70 3.90 13.74
C VAL B 385 12.37 4.64 12.44
N LEU B 386 13.40 5.16 11.73
CA LEU B 386 13.14 5.84 10.45
C LEU B 386 12.73 4.84 9.37
N THR B 387 13.40 3.68 9.32
CA THR B 387 12.99 2.64 8.39
C THR B 387 11.52 2.33 8.57
N TRP B 388 11.07 2.25 9.83
CA TRP B 388 9.69 1.89 10.07
C TRP B 388 8.76 2.97 9.56
N LEU B 389 9.06 4.22 9.93
CA LEU B 389 8.21 5.35 9.54
C LEU B 389 8.16 5.51 8.03
N PHE B 390 9.28 5.34 7.35
CA PHE B 390 9.25 5.50 5.91
C PHE B 390 8.46 4.37 5.26
N SER B 391 8.62 3.16 5.76
N SER B 391 8.66 3.15 5.73
CA SER B 391 7.95 2.00 5.20
CA SER B 391 7.95 1.98 5.20
C SER B 391 6.45 2.07 5.40
C SER B 391 6.45 2.12 5.39
N TRP B 392 6.02 2.57 6.57
CA TRP B 392 4.60 2.69 6.82
C TRP B 392 4.02 3.82 5.98
N CYS B 393 4.67 4.99 5.96
CA CYS B 393 4.19 6.06 5.11
C CYS B 393 4.22 5.68 3.63
N PHE B 394 5.26 4.96 3.20
CA PHE B 394 5.32 4.52 1.80
C PHE B 394 4.13 3.63 1.47
N ALA B 395 3.78 2.70 2.38
CA ALA B 395 2.67 1.79 2.09
C ALA B 395 1.37 2.57 2.01
N ARG B 396 1.27 3.63 2.82
CA ARG B 396 0.10 4.49 2.80
C ARG B 396 0.02 5.31 1.49
N ARG B 397 1.16 5.65 0.86
CA ARG B 397 1.13 6.26 -0.49
C ARG B 397 0.72 5.27 -1.56
N GLY B 398 0.64 3.98 -1.25
CA GLY B 398 0.35 2.98 -2.25
C GLY B 398 1.57 2.40 -2.92
N TRP B 399 2.76 2.65 -2.38
CA TRP B 399 4.02 2.16 -2.91
C TRP B 399 4.38 0.84 -2.23
N ALA B 400 3.61 -0.20 -2.58
CA ALA B 400 3.62 -1.44 -1.81
C ALA B 400 4.98 -2.11 -1.85
N GLU B 401 5.57 -2.18 -3.04
CA GLU B 401 6.87 -2.82 -3.16
C GLU B 401 7.97 -1.99 -2.48
N ARG B 402 7.96 -0.66 -2.60
CA ARG B 402 8.96 0.16 -1.89
C ARG B 402 8.88 -0.08 -0.39
N ALA B 403 7.67 -0.07 0.15
CA ALA B 403 7.48 -0.33 1.58
C ALA B 403 7.96 -1.71 1.97
N ARG B 404 7.68 -2.72 1.12
CA ARG B 404 8.07 -4.09 1.44
C ARG B 404 9.58 -4.23 1.48
N LEU B 405 10.26 -3.62 0.52
CA LEU B 405 11.72 -3.67 0.45
C LEU B 405 12.35 -3.10 1.71
N LEU B 406 11.85 -1.96 2.19
CA LEU B 406 12.40 -1.36 3.40
C LEU B 406 12.17 -2.25 4.59
N ARG B 407 10.95 -2.83 4.69
CA ARG B 407 10.64 -3.72 5.79
C ARG B 407 11.52 -4.96 5.78
N GLN B 408 11.73 -5.53 4.60
CA GLN B 408 12.55 -6.73 4.50
C GLN B 408 13.99 -6.43 4.90
N GLU B 409 14.56 -5.32 4.43
CA GLU B 409 15.92 -4.99 4.84
C GLU B 409 15.99 -4.64 6.31
N GLY B 410 14.96 -3.95 6.84
CA GLY B 410 14.96 -3.61 8.24
C GLY B 410 14.96 -4.85 9.11
N LEU B 411 14.22 -5.89 8.69
CA LEU B 411 14.17 -7.13 9.45
C LEU B 411 15.49 -7.87 9.34
N ARG B 412 16.10 -7.85 8.15
CA ARG B 412 17.43 -8.44 7.99
C ARG B 412 18.41 -7.80 8.94
N GLN B 413 18.37 -6.47 9.01
CA GLN B 413 19.26 -5.74 9.90
C GLN B 413 18.97 -6.06 11.35
N ALA B 414 17.69 -6.11 11.73
CA ALA B 414 17.33 -6.39 13.12
C ALA B 414 17.53 -7.83 13.52
N SER B 415 17.79 -8.72 12.56
N SER B 415 17.80 -8.73 12.55
CA SER B 415 17.80 -10.15 12.85
CA SER B 415 17.80 -10.15 12.86
C SER B 415 18.95 -10.55 13.76
C SER B 415 18.94 -10.56 13.78
N ASP B 416 19.84 -9.63 14.14
CA ASP B 416 20.87 -9.97 15.13
C ASP B 416 20.31 -10.01 16.54
N GLY B 417 19.10 -9.49 16.76
CA GLY B 417 18.54 -9.46 18.10
C GLY B 417 19.17 -8.46 19.06
N SER B 418 19.99 -7.52 18.57
CA SER B 418 20.52 -6.48 19.45
C SER B 418 19.49 -5.39 19.77
N PHE B 419 18.50 -5.21 18.89
CA PHE B 419 17.55 -4.11 18.99
C PHE B 419 18.28 -2.80 19.26
N ALA B 420 19.29 -2.54 18.42
CA ALA B 420 20.11 -1.35 18.59
C ALA B 420 19.35 -0.07 18.27
N GLU B 421 19.76 1.01 18.93
CA GLU B 421 19.24 2.33 18.63
C GLU B 421 19.49 2.70 17.16
N TYR B 422 20.71 2.44 16.66
CA TYR B 422 21.08 2.73 15.28
C TYR B 422 22.22 1.80 14.91
N TYR B 423 22.52 1.72 13.61
CA TYR B 423 23.50 0.79 13.08
C TYR B 423 24.50 1.49 12.17
N GLU B 424 25.75 1.04 12.21
CA GLU B 424 26.75 1.54 11.28
C GLU B 424 26.34 1.18 9.84
N PRO B 425 26.32 2.15 8.92
CA PRO B 425 25.69 1.88 7.61
C PRO B 425 26.47 0.94 6.71
N PHE B 426 27.79 0.85 6.89
CA PHE B 426 28.64 0.04 6.03
C PHE B 426 28.87 -1.35 6.60
N THR B 427 29.12 -1.46 7.90
CA THR B 427 29.42 -2.73 8.54
C THR B 427 28.23 -3.35 9.24
N GLY B 428 27.17 -2.58 9.53
CA GLY B 428 26.06 -3.12 10.30
C GLY B 428 26.31 -3.28 11.79
N GLU B 429 27.38 -2.69 12.33
CA GLU B 429 27.62 -2.77 13.77
C GLU B 429 26.46 -2.13 14.53
N PRO B 430 25.90 -2.79 15.54
CA PRO B 430 24.92 -2.12 16.40
C PRO B 430 25.57 -0.97 17.18
N LEU B 431 24.94 0.19 17.18
CA LEU B 431 25.51 1.37 17.84
C LEU B 431 24.48 1.98 18.77
N GLY B 432 24.93 2.96 19.55
CA GLY B 432 24.03 3.60 20.50
C GLY B 432 23.63 2.61 21.59
N SER B 433 22.44 2.80 22.13
CA SER B 433 21.93 1.86 23.11
C SER B 433 21.51 0.54 22.48
N MET B 434 21.79 -0.56 23.19
CA MET B 434 21.13 -1.83 22.91
C MET B 434 19.78 -1.84 23.60
N GLN B 435 18.90 -2.74 23.16
CA GLN B 435 17.60 -2.92 23.81
C GLN B 435 16.75 -1.64 23.74
N GLN B 436 16.84 -0.93 22.61
CA GLN B 436 16.07 0.29 22.37
C GLN B 436 14.61 -0.07 22.10
N SER B 437 13.69 0.51 22.89
CA SER B 437 12.29 0.09 22.81
C SER B 437 11.65 0.30 21.43
N TRP B 438 11.97 1.41 20.73
CA TRP B 438 11.25 1.60 19.46
C TRP B 438 11.84 0.77 18.31
N THR B 439 13.06 0.26 18.47
CA THR B 439 13.57 -0.74 17.54
C THR B 439 12.84 -2.07 17.70
N ALA B 440 12.59 -2.50 18.95
CA ALA B 440 11.80 -3.71 19.15
C ALA B 440 10.37 -3.52 18.62
N ALA B 441 9.83 -2.31 18.76
CA ALA B 441 8.45 -2.08 18.35
C ALA B 441 8.34 -2.14 16.83
N ALA B 442 9.33 -1.61 16.14
CA ALA B 442 9.34 -1.71 14.67
C ALA B 442 9.33 -3.17 14.23
N VAL B 443 10.14 -4.00 14.90
CA VAL B 443 10.15 -5.44 14.60
C VAL B 443 8.80 -6.07 14.92
N LEU B 444 8.25 -5.77 16.10
CA LEU B 444 6.97 -6.32 16.48
C LEU B 444 5.89 -5.95 15.44
N ASP B 445 5.86 -4.69 15.01
CA ASP B 445 4.85 -4.30 14.02
C ASP B 445 5.06 -5.00 12.67
N TRP B 446 6.30 -5.05 12.18
CA TRP B 446 6.58 -5.67 10.89
C TRP B 446 6.25 -7.15 10.86
N LEU B 447 6.57 -7.89 11.91
N LEU B 447 6.22 -7.79 12.04
CA LEU B 447 6.56 -9.34 11.74
CA LEU B 447 5.89 -9.21 12.24
C LEU B 447 5.15 -9.86 11.46
C LEU B 447 4.66 -9.47 13.10
N GLY B 448 4.13 -9.21 12.02
N GLY B 448 4.00 -8.45 13.62
CA GLY B 448 2.77 -9.67 11.84
CA GLY B 448 2.92 -8.65 14.58
C GLY B 448 2.63 -11.05 12.45
C GLY B 448 1.53 -8.74 14.01
C1 GOL C . -10.89 -19.31 -18.11
O1 GOL C . -10.53 -19.35 -16.73
C2 GOL C . -12.06 -18.32 -18.35
O2 GOL C . -13.20 -18.85 -17.71
C3 GOL C . -11.79 -16.96 -17.69
O3 GOL C . -10.85 -16.26 -18.49
C1 GOL D . 3.03 1.62 -30.53
O1 GOL D . 2.69 1.49 -31.88
C2 GOL D . 4.00 2.80 -30.36
O2 GOL D . 3.30 3.90 -29.79
C3 GOL D . 5.17 2.35 -29.49
O3 GOL D . 6.20 3.32 -29.44
C1 GOL E . -27.10 4.88 -12.79
O1 GOL E . -28.37 4.63 -12.24
C2 GOL E . -26.61 6.25 -12.38
O2 GOL E . -25.50 6.06 -11.54
C3 GOL E . -26.20 7.05 -13.61
O3 GOL E . -25.66 8.29 -13.20
C1 GOL F . -3.41 -6.01 12.29
O1 GOL F . -3.35 -4.67 11.85
C2 GOL F . -2.15 -6.79 11.86
O2 GOL F . -0.96 -6.03 12.00
C3 GOL F . -1.99 -8.08 12.67
O3 GOL F . -3.19 -8.80 12.72
C1 GOL G . 15.76 2.18 -14.46
O1 GOL G . 16.66 1.30 -15.13
C2 GOL G . 14.72 1.36 -13.70
O2 GOL G . 15.33 0.29 -13.02
C3 GOL G . 13.99 2.25 -12.69
O3 GOL G . 13.18 1.45 -11.86
C1 GOL H . 0.28 11.70 -12.88
O1 GOL H . -0.76 10.80 -12.57
C2 GOL H . 0.25 12.05 -14.36
O2 GOL H . -0.89 12.82 -14.63
C3 GOL H . 1.48 12.86 -14.77
O3 GOL H . 1.26 13.43 -16.05
C1 GOL I . 9.67 -10.78 -3.63
O1 GOL I . 9.02 -11.36 -2.51
C2 GOL I . 8.62 -10.22 -4.59
O2 GOL I . 7.31 -10.16 -4.05
C3 GOL I . 9.01 -8.93 -5.30
O3 GOL I . 7.86 -8.14 -5.56
C1 GOL J . 15.04 8.63 22.97
O1 GOL J . 15.21 7.52 22.10
C2 GOL J . 15.47 9.91 22.28
O2 GOL J . 16.82 9.73 21.91
C3 GOL J . 14.64 10.10 21.01
O3 GOL J . 13.28 10.24 21.37
C1 GOL K . -13.40 19.00 20.91
O1 GOL K . -13.72 17.65 20.66
C2 GOL K . -11.92 19.27 20.69
O2 GOL K . -11.77 20.27 19.71
C3 GOL K . -11.26 19.69 22.00
O3 GOL K . -10.66 20.97 21.87
C1 GOL L . 13.10 26.72 -1.50
O1 GOL L . 12.93 26.62 -2.89
C2 GOL L . 14.26 25.85 -0.98
O2 GOL L . 14.32 24.63 -1.69
C3 GOL L . 15.60 26.54 -1.14
O3 GOL L . 15.98 26.53 -2.50
#